data_1RQK
#
_entry.id   1RQK
#
_cell.length_a   141.718
_cell.length_b   141.718
_cell.length_c   187.179
_cell.angle_alpha   90.00
_cell.angle_beta   90.00
_cell.angle_gamma   120.00
#
_symmetry.space_group_name_H-M   'P 31 2 1'
#
loop_
_entity.id
_entity.type
_entity.pdbx_description
1 polymer 'Reaction center protein L chain'
2 polymer 'Reaction center protein M chain'
3 polymer 'Reaction center protein H chain'
4 non-polymer 'BACTERIOCHLOROPHYLL A'
5 non-polymer 'BACTERIOPHEOPHYTIN A'
6 non-polymer UBIQUINONE-10
7 non-polymer 'LAURYL DIMETHYLAMINE-N-OXIDE'
8 non-polymer 'FE (III) ION'
9 non-polymer 3,4-DIHYDROSPHEROIDENE
10 non-polymer CARDIOLIPIN
11 water water
#
loop_
_entity_poly.entity_id
_entity_poly.type
_entity_poly.pdbx_seq_one_letter_code
_entity_poly.pdbx_strand_id
1 'polypeptide(L)'
;ALLSFERKYRVPGGTLVGGNLFDFWVGPFYVGFFGVATFFFAALGIILIAWSAVLQGTWNPQLISVYPPALEYGLGGAPL
AKGGLWQIITICATGAFVSWALREVEICRKLGIGYHIPFAFAFAILAYLTLVLFRPVMMGAWGYAFPYGIWTHLDWVSNT
GYTYGNFHYNPAHMIAISFFFTNALALALHGALVLSAANPEKGKEMRTPDHEDTFFRDLVGYSIGTLGIHRLGLLLSLSA
VFFSALCMIITGTIWFDQWVDWWQWWVKLPWWANIPGGING
;
L
2 'polypeptide(L)'
;AEYQNIFSQVQVRGPADLGMTEDVNLANRSGVGPFSTLLGWFGNAQLGPIYLGSLGVLSLFSGLMWFFTIGIWFWYQAGW
NPAVFLRDLFFFSLEPPAPEYGLSFAAPLKEGGLWLIASFFMFVAVWSWWGRTYLRAQALGMGKHTAWAFLSAIWLWMVL
GFIRPILMGSWSEAVPYGIFSHLDWTNNFSLVHGNLFYNPFHGLSIAFLYGSALLFAMHGATILAVSRFGGERELEQIAD
RGTAAERAALFWRWTMGFNATMEGIHRWAIWMAVLVTLTGGIGILLSGTVVDNWYVWGQNHGMAPLN
;
M
3 'polypeptide(L)'
;MVGVTAFGNFDLASLAIYSFWIFLAGLIYYLQTENMREGYPLENEDGTPAANQGPFPLPKPKTFILPHGRGTLTVPGPES
EDRPIALARTAVSEGFPHAPTGDPMKDGVGPASWVARRDLPELDGHGHNKIKPMKAAAGFHVSAGKNPIGLPVRGCDLEI
AGKVVDIWVDIPEQMARFLEVELKDGSTRLLPMQMVKVQSNRVHVNALSSDLFAGIPTIKSPTEVTLLEEDKICGYVAGG
LMYAAPKRKSVVAAMLAEYA
;
H
#
# COMPACT_ATOMS: atom_id res chain seq x y z
N ALA A 1 21.11 7.12 -19.93
CA ALA A 1 21.11 6.32 -18.68
C ALA A 1 20.59 7.15 -17.53
N LEU A 2 20.60 8.49 -17.63
CA LEU A 2 20.06 9.24 -16.52
C LEU A 2 18.76 9.92 -16.86
N LEU A 3 17.87 9.94 -15.87
CA LEU A 3 16.74 10.83 -15.89
C LEU A 3 17.22 12.28 -15.94
N SER A 4 16.44 13.15 -16.54
CA SER A 4 16.82 14.55 -16.70
C SER A 4 17.25 15.22 -15.37
N PHE A 5 16.66 14.82 -14.25
CA PHE A 5 16.97 15.45 -12.98
C PHE A 5 17.96 14.68 -12.07
N GLU A 6 18.65 13.67 -12.62
CA GLU A 6 19.28 12.67 -11.77
C GLU A 6 20.70 13.01 -11.31
N ARG A 7 21.43 13.81 -12.09
CA ARG A 7 22.88 13.95 -11.88
C ARG A 7 23.21 14.54 -10.51
N LYS A 8 22.41 15.50 -10.07
CA LYS A 8 22.64 16.17 -8.79
C LYS A 8 22.61 15.20 -7.59
N TYR A 9 21.91 14.08 -7.73
CA TYR A 9 21.81 13.11 -6.65
C TYR A 9 22.89 12.04 -6.66
N ARG A 10 23.58 11.87 -7.79
CA ARG A 10 24.63 10.85 -7.92
C ARG A 10 25.95 11.26 -7.32
N VAL A 11 25.97 11.49 -6.02
CA VAL A 11 27.17 11.90 -5.32
C VAL A 11 27.75 10.71 -4.60
N PRO A 12 29.02 10.79 -4.20
CA PRO A 12 29.65 9.73 -3.40
C PRO A 12 29.09 9.63 -2.00
N GLY A 13 29.11 8.46 -1.40
CA GLY A 13 28.81 8.33 0.01
C GLY A 13 27.53 7.58 0.27
N GLY A 14 27.37 7.16 1.53
CA GLY A 14 26.22 6.43 2.01
C GLY A 14 26.46 4.94 2.16
N THR A 15 27.60 4.43 1.71
CA THR A 15 27.84 2.99 1.77
C THR A 15 28.05 2.55 3.23
N LEU A 16 27.63 1.33 3.54
CA LEU A 16 27.85 0.74 4.86
C LEU A 16 29.16 -0.03 4.89
N VAL A 17 29.52 -0.67 3.78
CA VAL A 17 30.72 -1.51 3.71
C VAL A 17 31.50 -1.12 2.48
N GLY A 18 32.81 -1.16 2.56
CA GLY A 18 33.62 -1.02 1.37
C GLY A 18 34.02 0.38 0.96
N GLY A 19 33.53 1.41 1.65
CA GLY A 19 33.90 2.77 1.29
C GLY A 19 33.47 3.10 -0.13
N ASN A 20 34.42 3.52 -0.97
CA ASN A 20 34.08 3.97 -2.32
C ASN A 20 34.36 2.90 -3.40
N LEU A 21 34.83 1.74 -2.96
CA LEU A 21 35.14 0.57 -3.81
C LEU A 21 34.03 0.19 -4.79
N PHE A 22 32.80 0.09 -4.29
CA PHE A 22 31.66 -0.36 -5.09
C PHE A 22 30.61 0.74 -5.25
N ASP A 23 31.05 2.00 -4.99
CA ASP A 23 30.16 3.15 -5.04
C ASP A 23 30.01 3.64 -6.47
N PHE A 24 29.21 2.89 -7.22
CA PHE A 24 28.98 3.20 -8.61
C PHE A 24 27.71 2.57 -9.13
N TRP A 25 27.30 3.03 -10.32
CA TRP A 25 26.17 2.48 -11.02
C TRP A 25 26.55 1.69 -12.27
N VAL A 26 25.64 0.80 -12.66
CA VAL A 26 25.63 0.10 -13.95
C VAL A 26 24.28 0.39 -14.61
N GLY A 27 24.28 1.29 -15.59
CA GLY A 27 23.06 1.82 -16.14
C GLY A 27 22.34 2.53 -15.02
N PRO A 28 21.06 2.19 -14.83
CA PRO A 28 20.25 2.79 -13.79
C PRO A 28 20.50 2.17 -12.41
N PHE A 29 21.18 1.04 -12.39
CA PHE A 29 21.31 0.25 -11.17
C PHE A 29 22.44 0.71 -10.28
N TYR A 30 22.11 1.05 -9.04
CA TYR A 30 23.14 1.20 -8.02
C TYR A 30 23.73 -0.16 -7.74
N VAL A 31 25.01 -0.21 -7.44
CA VAL A 31 25.66 -1.47 -7.16
C VAL A 31 25.88 -1.58 -5.65
N GLY A 32 27.01 -1.06 -5.16
CA GLY A 32 27.38 -1.23 -3.76
C GLY A 32 27.84 -2.65 -3.43
N PHE A 33 28.39 -2.81 -2.22
CA PHE A 33 28.92 -4.11 -1.77
C PHE A 33 27.82 -5.17 -1.81
N PHE A 34 26.65 -4.80 -1.31
CA PHE A 34 25.45 -5.65 -1.34
C PHE A 34 24.86 -5.86 -2.73
N GLY A 35 25.10 -4.98 -3.69
CA GLY A 35 24.82 -5.32 -5.07
C GLY A 35 25.63 -6.55 -5.50
N VAL A 36 26.92 -6.52 -5.21
CA VAL A 36 27.82 -7.65 -5.49
C VAL A 36 27.41 -8.92 -4.73
N ALA A 37 27.10 -8.77 -3.45
CA ALA A 37 26.65 -9.89 -2.68
C ALA A 37 25.40 -10.48 -3.31
N THR A 38 24.39 -9.67 -3.69
CA THR A 38 23.15 -10.29 -4.17
C THR A 38 23.41 -10.99 -5.51
N PHE A 39 24.21 -10.42 -6.38
CA PHE A 39 24.59 -11.12 -7.62
C PHE A 39 25.23 -12.49 -7.33
N PHE A 40 26.11 -12.53 -6.36
CA PHE A 40 26.85 -13.74 -6.07
C PHE A 40 25.89 -14.81 -5.58
N PHE A 41 25.05 -14.47 -4.61
CA PHE A 41 24.07 -15.43 -4.07
C PHE A 41 23.03 -15.85 -5.10
N ALA A 42 22.57 -14.92 -5.95
CA ALA A 42 21.58 -15.26 -6.97
C ALA A 42 22.18 -16.17 -8.06
N ALA A 43 23.41 -15.90 -8.47
CA ALA A 43 24.05 -16.66 -9.51
C ALA A 43 24.21 -18.09 -9.02
N LEU A 44 24.61 -18.21 -7.76
CA LEU A 44 24.93 -19.49 -7.17
C LEU A 44 23.66 -20.31 -6.95
N GLY A 45 22.61 -19.67 -6.45
CA GLY A 45 21.31 -20.31 -6.37
C GLY A 45 20.76 -20.81 -7.70
N ILE A 46 20.91 -20.02 -8.76
CA ILE A 46 20.39 -20.38 -10.08
C ILE A 46 21.15 -21.58 -10.69
N ILE A 47 22.47 -21.52 -10.63
CA ILE A 47 23.33 -22.66 -10.96
C ILE A 47 22.86 -23.91 -10.25
N LEU A 48 22.61 -23.82 -8.96
CA LEU A 48 22.24 -24.98 -8.17
C LEU A 48 20.85 -25.52 -8.52
N ILE A 49 19.93 -24.63 -8.88
CA ILE A 49 18.62 -25.08 -9.35
C ILE A 49 18.79 -25.80 -10.69
N ALA A 50 19.60 -25.21 -11.57
CA ALA A 50 19.91 -25.84 -12.85
C ALA A 50 20.39 -27.29 -12.70
N TRP A 51 21.37 -27.48 -11.82
CA TRP A 51 21.90 -28.79 -11.42
C TRP A 51 20.79 -29.70 -10.90
N SER A 52 19.93 -29.16 -10.06
CA SER A 52 18.81 -29.93 -9.54
C SER A 52 17.96 -30.53 -10.68
N ALA A 53 17.76 -29.72 -11.71
CA ALA A 53 16.93 -30.10 -12.84
C ALA A 53 17.60 -31.15 -13.71
N VAL A 54 18.93 -31.14 -13.81
CA VAL A 54 19.56 -32.19 -14.59
C VAL A 54 19.35 -33.51 -13.84
N LEU A 55 19.58 -33.53 -12.54
CA LEU A 55 19.34 -34.69 -11.69
C LEU A 55 17.91 -35.16 -11.72
N GLN A 56 16.97 -34.22 -11.83
CA GLN A 56 15.56 -34.58 -11.93
C GLN A 56 15.25 -35.20 -13.30
N GLY A 57 15.95 -34.74 -14.32
CA GLY A 57 15.75 -35.19 -15.69
C GLY A 57 14.75 -34.37 -16.45
N THR A 58 14.48 -33.16 -16.03
CA THR A 58 13.63 -32.29 -16.80
C THR A 58 14.16 -30.85 -16.82
N TRP A 59 14.05 -30.25 -17.99
CA TRP A 59 14.32 -28.83 -18.16
C TRP A 59 13.03 -28.01 -18.22
N ASN A 60 11.88 -28.64 -18.02
CA ASN A 60 10.61 -27.94 -18.12
C ASN A 60 10.31 -27.21 -16.81
N PRO A 61 10.31 -25.88 -16.81
CA PRO A 61 10.08 -25.09 -15.59
C PRO A 61 8.76 -25.32 -14.86
N GLN A 62 7.77 -25.83 -15.57
CA GLN A 62 6.55 -26.29 -14.91
C GLN A 62 6.72 -27.61 -14.13
N LEU A 63 7.79 -28.37 -14.37
CA LEU A 63 8.06 -29.56 -13.60
C LEU A 63 9.24 -29.46 -12.64
N ILE A 64 10.14 -28.53 -12.85
CA ILE A 64 11.32 -28.48 -12.00
C ILE A 64 10.82 -28.31 -10.56
N SER A 65 11.39 -29.06 -9.63
CA SER A 65 11.04 -28.91 -8.23
C SER A 65 12.13 -29.39 -7.31
N VAL A 66 12.72 -28.47 -6.57
CA VAL A 66 13.72 -28.81 -5.56
C VAL A 66 13.05 -29.10 -4.22
N TYR A 67 13.07 -30.35 -3.78
CA TYR A 67 12.44 -30.72 -2.53
C TYR A 67 13.35 -30.68 -1.34
N PRO A 68 12.78 -30.37 -0.19
CA PRO A 68 13.50 -30.39 1.04
C PRO A 68 13.82 -31.81 1.37
N PRO A 69 14.76 -32.02 2.29
CA PRO A 69 15.05 -33.37 2.77
C PRO A 69 13.83 -34.03 3.39
N ALA A 70 13.75 -35.35 3.28
CA ALA A 70 12.69 -36.10 3.90
C ALA A 70 12.77 -35.95 5.43
N LEU A 71 11.62 -36.15 6.09
CA LEU A 71 11.54 -36.01 7.55
C LEU A 71 12.55 -36.89 8.27
N GLU A 72 12.90 -38.04 7.68
CA GLU A 72 13.91 -38.94 8.30
C GLU A 72 15.27 -38.25 8.59
N TYR A 73 15.62 -37.20 7.86
CA TYR A 73 16.85 -36.47 8.13
C TYR A 73 16.74 -35.48 9.27
N GLY A 74 15.52 -35.16 9.69
CA GLY A 74 15.29 -34.24 10.80
C GLY A 74 15.89 -32.89 10.47
N LEU A 75 16.74 -32.37 11.34
CA LEU A 75 17.45 -31.09 11.06
C LEU A 75 18.91 -31.31 10.68
N GLY A 76 19.22 -32.49 10.14
CA GLY A 76 20.56 -32.76 9.67
C GLY A 76 20.81 -32.21 8.29
N GLY A 77 22.06 -32.30 7.85
CA GLY A 77 22.41 -32.16 6.45
C GLY A 77 21.91 -33.38 5.68
N ALA A 78 21.68 -33.22 4.39
CA ALA A 78 21.19 -34.33 3.59
C ALA A 78 22.05 -34.39 2.32
N PRO A 79 22.03 -35.52 1.62
CA PRO A 79 22.78 -35.63 0.39
C PRO A 79 22.16 -34.74 -0.67
N LEU A 80 22.99 -34.24 -1.57
CA LEU A 80 22.54 -33.22 -2.51
C LEU A 80 21.34 -33.68 -3.32
N ALA A 81 21.44 -34.90 -3.83
CA ALA A 81 20.37 -35.50 -4.63
C ALA A 81 19.05 -35.60 -3.87
N LYS A 82 19.10 -35.72 -2.55
CA LYS A 82 17.92 -35.99 -1.70
C LYS A 82 17.73 -34.92 -0.62
N GLY A 83 17.88 -33.65 -0.97
CA GLY A 83 17.48 -32.54 -0.05
C GLY A 83 18.55 -31.52 0.32
N GLY A 84 19.82 -31.91 0.16
CA GLY A 84 20.97 -31.04 0.37
C GLY A 84 20.97 -29.83 -0.55
N LEU A 85 20.60 -30.00 -1.82
CA LEU A 85 20.51 -28.86 -2.75
C LEU A 85 19.52 -27.80 -2.25
N TRP A 86 18.35 -28.25 -1.81
CA TRP A 86 17.35 -27.37 -1.23
C TRP A 86 17.95 -26.56 -0.08
N GLN A 87 18.77 -27.23 0.74
CA GLN A 87 19.38 -26.60 1.92
C GLN A 87 20.33 -25.47 1.49
N ILE A 88 21.25 -25.77 0.58
CA ILE A 88 22.21 -24.77 0.06
C ILE A 88 21.47 -23.64 -0.67
N ILE A 89 20.52 -24.00 -1.53
CA ILE A 89 19.71 -22.96 -2.19
C ILE A 89 19.04 -22.05 -1.18
N THR A 90 18.47 -22.60 -0.12
CA THR A 90 17.79 -21.78 0.88
C THR A 90 18.76 -20.78 1.52
N ILE A 91 19.99 -21.23 1.76
CA ILE A 91 21.03 -20.34 2.30
C ILE A 91 21.24 -19.20 1.32
N CYS A 92 21.48 -19.55 0.06
CA CYS A 92 21.66 -18.56 -1.00
C CYS A 92 20.52 -17.59 -1.15
N ALA A 93 19.29 -18.06 -1.03
CA ALA A 93 18.12 -17.18 -1.19
C ALA A 93 18.03 -16.18 -0.05
N THR A 94 18.20 -16.70 1.16
CA THR A 94 18.28 -15.86 2.36
C THR A 94 19.36 -14.81 2.23
N GLY A 95 20.51 -15.20 1.72
CA GLY A 95 21.64 -14.30 1.51
C GLY A 95 21.27 -13.26 0.48
N ALA A 96 20.59 -13.67 -0.57
CA ALA A 96 20.22 -12.71 -1.59
C ALA A 96 19.15 -11.74 -1.15
N PHE A 97 18.23 -12.13 -0.28
CA PHE A 97 17.14 -11.25 0.14
C PHE A 97 17.65 -10.22 1.13
N VAL A 98 18.42 -10.70 2.10
CA VAL A 98 19.05 -9.84 3.10
C VAL A 98 20.01 -8.87 2.44
N SER A 99 20.83 -9.35 1.53
CA SER A 99 21.66 -8.43 0.77
C SER A 99 20.83 -7.37 0.03
N TRP A 100 19.69 -7.74 -0.55
CA TRP A 100 18.86 -6.78 -1.28
C TRP A 100 18.34 -5.68 -0.34
N ALA A 101 17.98 -6.07 0.86
CA ALA A 101 17.54 -5.13 1.87
C ALA A 101 18.63 -4.14 2.27
N LEU A 102 19.83 -4.66 2.54
CA LEU A 102 20.94 -3.82 2.98
C LEU A 102 21.37 -2.85 1.88
N ARG A 103 21.22 -3.28 0.62
CA ARG A 103 21.50 -2.44 -0.54
C ARG A 103 20.51 -1.31 -0.60
N GLU A 104 19.25 -1.56 -0.26
CA GLU A 104 18.26 -0.47 -0.21
C GLU A 104 18.59 0.54 0.88
N VAL A 105 19.23 0.07 1.95
CA VAL A 105 19.66 0.93 3.05
C VAL A 105 20.78 1.86 2.58
N GLU A 106 21.72 1.32 1.82
CA GLU A 106 22.74 2.14 1.20
C GLU A 106 22.07 3.21 0.34
N ILE A 107 21.13 2.82 -0.50
CA ILE A 107 20.47 3.74 -1.41
C ILE A 107 19.73 4.83 -0.65
N CYS A 108 19.03 4.46 0.40
CA CYS A 108 18.41 5.42 1.32
C CYS A 108 19.41 6.45 1.85
N ARG A 109 20.56 6.01 2.34
CA ARG A 109 21.53 6.93 2.86
C ARG A 109 22.03 7.96 1.86
N LYS A 110 22.24 7.51 0.62
CA LYS A 110 22.73 8.40 -0.43
C LYS A 110 21.67 9.44 -0.80
N LEU A 111 20.41 9.03 -0.82
CA LEU A 111 19.32 9.95 -1.13
C LEU A 111 18.78 10.77 0.07
N GLY A 112 19.37 10.56 1.24
CA GLY A 112 18.88 11.22 2.46
C GLY A 112 17.40 11.06 2.80
N ILE A 113 16.82 9.93 2.43
CA ILE A 113 15.40 9.61 2.75
C ILE A 113 15.38 8.65 3.97
N GLY A 114 14.18 8.35 4.45
CA GLY A 114 14.01 7.44 5.56
C GLY A 114 14.16 6.00 5.12
N TYR A 115 14.18 5.12 6.12
CA TYR A 115 14.40 3.70 5.90
C TYR A 115 13.16 2.81 5.84
N HIS A 116 11.98 3.41 5.60
CA HIS A 116 10.71 2.68 5.71
C HIS A 116 10.59 1.51 4.72
N ILE A 117 11.14 1.68 3.52
CA ILE A 117 11.05 0.66 2.48
C ILE A 117 11.75 -0.68 2.86
N PRO A 118 13.05 -0.68 3.14
CA PRO A 118 13.73 -1.90 3.54
C PRO A 118 13.20 -2.48 4.83
N PHE A 119 12.75 -1.62 5.72
CA PHE A 119 12.08 -2.05 6.91
C PHE A 119 10.82 -2.88 6.55
N ALA A 120 9.99 -2.36 5.64
CA ALA A 120 8.79 -3.07 5.19
C ALA A 120 9.19 -4.36 4.52
N PHE A 121 10.22 -4.30 3.70
CA PHE A 121 10.68 -5.47 3.00
C PHE A 121 11.04 -6.58 3.99
N ALA A 122 11.60 -6.23 5.14
CA ALA A 122 12.02 -7.22 6.10
C ALA A 122 10.84 -8.03 6.59
N PHE A 123 9.64 -7.49 6.52
CA PHE A 123 8.45 -8.31 6.86
C PHE A 123 8.26 -9.48 5.88
N ALA A 124 8.41 -9.23 4.60
CA ALA A 124 8.33 -10.34 3.64
C ALA A 124 9.43 -11.37 3.89
N ILE A 125 10.63 -10.87 4.08
CA ILE A 125 11.77 -11.75 4.41
C ILE A 125 11.45 -12.62 5.63
N LEU A 126 10.77 -12.07 6.61
CA LEU A 126 10.49 -12.77 7.82
C LEU A 126 9.42 -13.84 7.59
N ALA A 127 8.47 -13.58 6.70
CA ALA A 127 7.44 -14.58 6.34
C ALA A 127 8.09 -15.77 5.66
N TYR A 128 8.88 -15.49 4.61
CA TYR A 128 9.73 -16.53 3.98
C TYR A 128 10.45 -17.38 5.04
N LEU A 129 11.17 -16.75 5.97
CA LEU A 129 12.00 -17.48 6.94
C LEU A 129 11.17 -18.29 7.97
N THR A 130 9.98 -17.78 8.30
CA THR A 130 9.01 -18.58 9.03
C THR A 130 8.74 -19.93 8.33
N LEU A 131 8.45 -19.91 7.04
CA LEU A 131 8.10 -21.12 6.35
C LEU A 131 9.30 -22.07 6.17
N VAL A 132 10.48 -21.56 5.90
CA VAL A 132 11.58 -22.46 5.56
C VAL A 132 12.61 -22.68 6.66
N LEU A 133 12.54 -21.88 7.72
CA LEU A 133 13.52 -21.98 8.80
C LEU A 133 12.87 -22.12 10.18
N PHE A 134 12.07 -21.13 10.59
CA PHE A 134 11.54 -21.12 11.97
C PHE A 134 10.58 -22.25 12.26
N ARG A 135 9.57 -22.42 11.40
CA ARG A 135 8.62 -23.53 11.58
C ARG A 135 9.28 -24.92 11.53
N PRO A 136 9.98 -25.25 10.45
CA PRO A 136 10.77 -26.49 10.39
C PRO A 136 11.64 -26.79 11.62
N VAL A 137 12.38 -25.81 12.10
CA VAL A 137 13.25 -26.01 13.27
C VAL A 137 12.44 -26.33 14.54
N MET A 138 11.37 -25.58 14.80
CA MET A 138 10.48 -25.91 15.92
C MET A 138 9.77 -27.24 15.77
N MET A 139 9.46 -27.60 14.53
CA MET A 139 8.86 -28.89 14.25
C MET A 139 9.86 -30.06 14.20
N GLY A 140 11.15 -29.78 14.15
CA GLY A 140 12.17 -30.81 14.16
C GLY A 140 12.58 -31.47 12.85
N ALA A 141 12.13 -30.94 11.71
CA ALA A 141 12.64 -31.38 10.41
C ALA A 141 12.49 -30.33 9.31
N TRP A 142 13.52 -30.27 8.46
CA TRP A 142 13.50 -29.47 7.22
C TRP A 142 12.36 -29.91 6.28
N GLY A 143 11.98 -31.18 6.40
CA GLY A 143 10.90 -31.74 5.62
C GLY A 143 9.58 -31.02 5.69
N TYR A 144 9.32 -30.26 6.75
CA TYR A 144 8.06 -29.51 6.88
C TYR A 144 8.04 -28.19 6.07
N ALA A 145 9.17 -27.85 5.47
CA ALA A 145 9.27 -26.68 4.59
C ALA A 145 8.65 -26.92 3.24
N PHE A 146 8.40 -25.85 2.49
CA PHE A 146 7.83 -25.97 1.16
C PHE A 146 8.90 -26.18 0.12
N PRO A 147 8.58 -26.94 -0.93
CA PRO A 147 9.52 -27.20 -2.00
C PRO A 147 9.56 -26.04 -2.99
N TYR A 148 10.68 -25.91 -3.70
CA TYR A 148 10.78 -24.84 -4.70
C TYR A 148 10.38 -25.35 -6.09
N GLY A 149 9.13 -25.08 -6.43
CA GLY A 149 8.60 -25.36 -7.76
C GLY A 149 7.26 -24.66 -7.90
N ILE A 150 6.90 -24.29 -9.14
CA ILE A 150 5.68 -23.53 -9.43
C ILE A 150 4.45 -24.22 -8.91
N TRP A 151 4.29 -25.49 -9.25
CA TRP A 151 3.06 -26.21 -8.92
C TRP A 151 3.22 -27.02 -7.66
N THR A 152 4.41 -27.59 -7.46
CA THR A 152 4.69 -28.32 -6.24
C THR A 152 4.49 -27.49 -4.97
N HIS A 153 4.83 -26.20 -5.03
CA HIS A 153 4.67 -25.32 -3.85
C HIS A 153 3.16 -25.12 -3.53
N LEU A 154 2.28 -25.12 -4.54
CA LEU A 154 0.81 -25.10 -4.29
C LEU A 154 0.26 -26.42 -3.72
N ASP A 155 0.84 -27.52 -4.19
CA ASP A 155 0.61 -28.82 -3.64
C ASP A 155 0.86 -28.81 -2.16
N TRP A 156 1.98 -28.20 -1.79
CA TRP A 156 2.40 -28.12 -0.39
C TRP A 156 1.41 -27.31 0.40
N VAL A 157 0.96 -26.21 -0.18
CA VAL A 157 0.06 -25.32 0.52
C VAL A 157 -1.21 -26.11 0.81
N SER A 158 -1.66 -26.81 -0.21
CA SER A 158 -2.90 -27.54 -0.10
C SER A 158 -2.82 -28.74 0.87
N ASN A 159 -1.77 -29.56 0.74
CA ASN A 159 -1.58 -30.70 1.65
C ASN A 159 -1.34 -30.23 3.09
N THR A 160 -0.63 -29.12 3.25
CA THR A 160 -0.35 -28.62 4.59
C THR A 160 -1.65 -28.14 5.25
N GLY A 161 -2.40 -27.36 4.52
CA GLY A 161 -3.66 -26.87 5.03
C GLY A 161 -4.55 -27.99 5.41
N TYR A 162 -4.83 -28.88 4.47
CA TYR A 162 -5.78 -29.98 4.73
C TYR A 162 -5.31 -30.98 5.79
N THR A 163 -4.04 -30.99 6.17
CA THR A 163 -3.60 -31.73 7.37
C THR A 163 -4.37 -31.35 8.63
N TYR A 164 -4.88 -30.13 8.67
CA TYR A 164 -5.53 -29.59 9.86
C TYR A 164 -7.00 -29.31 9.63
N GLY A 165 -7.60 -30.05 8.73
CA GLY A 165 -8.99 -29.83 8.40
C GLY A 165 -9.05 -28.76 7.36
N ASN A 166 -10.10 -27.92 7.42
CA ASN A 166 -10.25 -26.74 6.59
C ASN A 166 -9.53 -25.64 7.32
N PHE A 167 -8.50 -25.09 6.69
CA PHE A 167 -7.60 -24.15 7.33
C PHE A 167 -8.24 -22.81 7.59
N HIS A 168 -9.37 -22.53 6.94
CA HIS A 168 -10.15 -21.34 7.21
C HIS A 168 -10.37 -21.11 8.70
N TYR A 169 -10.39 -22.19 9.46
CA TYR A 169 -10.68 -22.19 10.88
C TYR A 169 -9.50 -21.79 11.75
N ASN A 170 -8.28 -21.68 11.20
CA ASN A 170 -7.13 -21.09 11.93
C ASN A 170 -7.47 -19.61 12.22
N PRO A 171 -7.61 -19.21 13.50
CA PRO A 171 -8.12 -17.88 13.79
C PRO A 171 -7.15 -16.75 13.38
N ALA A 172 -5.84 -16.99 13.46
CA ALA A 172 -4.86 -15.99 13.02
C ALA A 172 -4.93 -15.80 11.53
N HIS A 173 -5.34 -16.86 10.82
CA HIS A 173 -5.43 -16.91 9.35
C HIS A 173 -6.64 -16.04 8.91
N MET A 174 -7.66 -16.02 9.75
CA MET A 174 -8.80 -15.15 9.55
C MET A 174 -8.41 -13.68 9.65
N ILE A 175 -7.65 -13.33 10.69
CA ILE A 175 -7.19 -11.95 10.90
C ILE A 175 -6.38 -11.51 9.66
N ALA A 176 -5.36 -12.30 9.32
CA ALA A 176 -4.51 -12.08 8.17
C ALA A 176 -5.27 -11.83 6.88
N ILE A 177 -6.24 -12.69 6.55
CA ILE A 177 -7.08 -12.49 5.38
C ILE A 177 -7.82 -11.16 5.47
N SER A 178 -8.32 -10.81 6.63
CA SER A 178 -9.03 -9.56 6.78
C SER A 178 -8.16 -8.37 6.34
N PHE A 179 -6.92 -8.37 6.80
CA PHE A 179 -5.98 -7.34 6.44
C PHE A 179 -5.64 -7.36 4.96
N PHE A 180 -5.38 -8.54 4.40
CA PHE A 180 -5.20 -8.66 2.96
C PHE A 180 -6.35 -8.05 2.17
N PHE A 181 -7.56 -8.44 2.48
CA PHE A 181 -8.70 -7.91 1.77
C PHE A 181 -8.83 -6.41 1.97
N THR A 182 -8.59 -5.95 3.18
CA THR A 182 -8.78 -4.53 3.51
C THR A 182 -7.74 -3.64 2.83
N ASN A 183 -6.54 -4.19 2.73
CA ASN A 183 -5.43 -3.53 2.07
C ASN A 183 -5.74 -3.29 0.63
N ALA A 184 -6.32 -4.28 -0.02
CA ALA A 184 -6.68 -4.16 -1.42
C ALA A 184 -7.83 -3.16 -1.58
N LEU A 185 -8.76 -3.15 -0.65
CA LEU A 185 -9.81 -2.14 -0.68
C LEU A 185 -9.21 -0.71 -0.61
N ALA A 186 -8.33 -0.53 0.38
CA ALA A 186 -7.68 0.76 0.61
C ALA A 186 -6.81 1.22 -0.58
N LEU A 187 -6.08 0.31 -1.19
CA LEU A 187 -5.29 0.63 -2.36
C LEU A 187 -6.17 1.04 -3.52
N ALA A 188 -7.30 0.35 -3.73
CA ALA A 188 -8.23 0.75 -4.81
C ALA A 188 -8.68 2.17 -4.60
N LEU A 189 -9.05 2.50 -3.36
CA LEU A 189 -9.61 3.81 -3.06
C LEU A 189 -8.56 4.92 -3.17
N HIS A 190 -7.41 4.72 -2.54
CA HIS A 190 -6.31 5.68 -2.64
C HIS A 190 -5.95 6.02 -4.08
N GLY A 191 -5.76 5.01 -4.90
CA GLY A 191 -5.44 5.24 -6.30
C GLY A 191 -6.54 5.98 -7.00
N ALA A 192 -7.78 5.54 -6.74
CA ALA A 192 -8.97 6.14 -7.33
C ALA A 192 -9.11 7.59 -6.93
N LEU A 193 -8.82 7.92 -5.67
CA LEU A 193 -9.11 9.25 -5.17
C LEU A 193 -8.18 10.31 -5.78
N VAL A 194 -6.90 10.03 -5.67
CA VAL A 194 -5.86 10.88 -6.18
C VAL A 194 -6.10 11.12 -7.70
N LEU A 195 -6.38 10.07 -8.43
CA LEU A 195 -6.59 10.19 -9.86
C LEU A 195 -7.85 10.93 -10.17
N SER A 196 -8.91 10.72 -9.38
CA SER A 196 -10.16 11.44 -9.57
C SER A 196 -9.98 12.97 -9.35
N ALA A 197 -8.96 13.36 -8.58
CA ALA A 197 -8.63 14.80 -8.36
C ALA A 197 -7.66 15.37 -9.38
N ALA A 198 -6.61 14.63 -9.73
CA ALA A 198 -5.70 15.06 -10.80
C ALA A 198 -6.41 15.12 -12.17
N ASN A 199 -7.45 14.29 -12.31
CA ASN A 199 -8.11 14.08 -13.59
C ASN A 199 -9.60 14.28 -13.43
N PRO A 200 -9.98 15.52 -13.20
CA PRO A 200 -11.39 15.85 -12.94
C PRO A 200 -12.21 15.81 -14.21
N GLU A 201 -13.49 16.07 -14.09
CA GLU A 201 -14.32 16.22 -15.29
C GLU A 201 -13.65 17.11 -16.31
N LYS A 202 -13.82 16.73 -17.58
CA LYS A 202 -13.15 17.39 -18.70
C LYS A 202 -13.47 18.88 -18.77
N GLY A 203 -12.41 19.68 -18.83
CA GLY A 203 -12.54 21.15 -18.89
C GLY A 203 -12.28 21.85 -17.57
N LYS A 204 -12.46 21.14 -16.46
CA LYS A 204 -12.30 21.70 -15.12
C LYS A 204 -10.85 21.77 -14.69
N GLU A 205 -10.64 22.61 -13.69
CA GLU A 205 -9.36 22.78 -13.04
C GLU A 205 -9.13 21.50 -12.23
N MET A 206 -7.86 21.11 -12.12
CA MET A 206 -7.39 20.12 -11.15
C MET A 206 -7.99 20.44 -9.77
N ARG A 207 -8.42 19.39 -9.09
CA ARG A 207 -8.95 19.50 -7.76
C ARG A 207 -7.86 19.58 -6.74
N THR A 208 -8.23 19.80 -5.49
CA THR A 208 -7.27 19.97 -4.40
C THR A 208 -7.47 18.86 -3.41
N PRO A 209 -6.51 18.67 -2.52
CA PRO A 209 -6.70 17.74 -1.41
C PRO A 209 -7.97 18.01 -0.61
N ASP A 210 -8.38 19.27 -0.54
CA ASP A 210 -9.65 19.59 0.15
C ASP A 210 -10.81 18.85 -0.52
N HIS A 211 -10.84 18.84 -1.84
CA HIS A 211 -11.86 18.07 -2.57
C HIS A 211 -11.79 16.56 -2.23
N GLU A 212 -10.57 16.05 -2.12
CA GLU A 212 -10.37 14.67 -1.68
C GLU A 212 -11.01 14.41 -0.31
N ASP A 213 -10.72 15.27 0.68
CA ASP A 213 -11.28 15.07 2.04
C ASP A 213 -12.76 15.23 2.02
N THR A 214 -13.24 16.23 1.28
CA THR A 214 -14.68 16.50 1.20
C THR A 214 -15.40 15.30 0.61
N PHE A 215 -14.81 14.74 -0.46
CA PHE A 215 -15.39 13.61 -1.17
C PHE A 215 -15.71 12.46 -0.23
N PHE A 216 -14.73 12.13 0.61
CA PHE A 216 -14.89 11.04 1.58
C PHE A 216 -15.78 11.34 2.75
N ARG A 217 -15.75 12.57 3.23
CA ARG A 217 -16.63 12.97 4.32
C ARG A 217 -18.07 12.92 3.84
N ASP A 218 -18.33 13.48 2.67
CA ASP A 218 -19.61 13.29 2.00
C ASP A 218 -20.00 11.80 1.91
N LEU A 219 -19.07 10.95 1.45
CA LEU A 219 -19.36 9.52 1.23
C LEU A 219 -19.57 8.70 2.49
N VAL A 220 -18.62 8.72 3.42
CA VAL A 220 -18.69 7.83 4.58
C VAL A 220 -18.55 8.57 5.88
N GLY A 221 -18.38 9.89 5.85
CA GLY A 221 -18.40 10.66 7.11
C GLY A 221 -17.06 10.85 7.74
N TYR A 222 -16.01 10.25 7.18
CA TYR A 222 -14.70 10.44 7.70
C TYR A 222 -13.70 10.44 6.53
N SER A 223 -12.59 11.14 6.73
CA SER A 223 -11.44 11.09 5.82
C SER A 223 -10.18 11.08 6.66
N ILE A 224 -9.34 10.08 6.44
CA ILE A 224 -8.15 9.88 7.23
C ILE A 224 -7.04 10.87 6.81
N GLY A 225 -7.21 11.49 5.66
CA GLY A 225 -6.19 12.40 5.16
C GLY A 225 -5.03 11.77 4.42
N THR A 226 -4.19 12.62 3.85
CA THR A 226 -3.23 12.20 2.86
C THR A 226 -1.97 11.62 3.49
N LEU A 227 -1.61 12.08 4.70
CA LEU A 227 -0.54 11.41 5.41
C LEU A 227 -1.09 10.09 5.97
N GLY A 228 -2.33 10.15 6.44
CA GLY A 228 -2.99 9.03 7.13
C GLY A 228 -3.17 7.82 6.26
N ILE A 229 -3.50 8.01 4.99
CA ILE A 229 -3.71 6.89 4.09
C ILE A 229 -2.42 6.12 3.72
N HIS A 230 -1.29 6.81 3.72
CA HIS A 230 0.01 6.17 3.42
C HIS A 230 0.47 5.43 4.69
N ARG A 231 0.30 6.03 5.85
CA ARG A 231 0.45 5.31 7.10
C ARG A 231 -0.45 4.07 7.12
N LEU A 232 -1.69 4.20 6.66
CA LEU A 232 -2.66 3.11 6.70
C LEU A 232 -2.23 1.96 5.83
N GLY A 233 -1.93 2.26 4.57
CA GLY A 233 -1.51 1.24 3.64
C GLY A 233 -0.29 0.50 4.13
N LEU A 234 0.69 1.21 4.63
CA LEU A 234 1.90 0.56 5.13
C LEU A 234 1.52 -0.43 6.23
N LEU A 235 0.64 -0.01 7.11
CA LEU A 235 0.23 -0.78 8.25
C LEU A 235 -0.66 -1.98 7.95
N LEU A 236 -1.60 -1.82 7.00
CA LEU A 236 -2.48 -2.89 6.62
C LEU A 236 -1.63 -4.00 5.96
N SER A 237 -0.75 -3.58 5.04
CA SER A 237 0.20 -4.48 4.40
C SER A 237 1.04 -5.28 5.33
N LEU A 238 1.70 -4.60 6.25
CA LEU A 238 2.65 -5.28 7.09
C LEU A 238 1.93 -6.18 8.10
N SER A 239 0.73 -5.78 8.50
CA SER A 239 -0.03 -6.53 9.48
C SER A 239 -0.47 -7.85 8.86
N ALA A 240 -0.94 -7.75 7.60
CA ALA A 240 -1.30 -8.92 6.82
C ALA A 240 -0.25 -10.01 6.88
N VAL A 241 0.98 -9.61 6.68
CA VAL A 241 2.07 -10.57 6.56
C VAL A 241 2.50 -11.00 7.94
N PHE A 242 2.39 -10.10 8.90
CA PHE A 242 2.71 -10.47 10.26
C PHE A 242 1.79 -11.60 10.74
N PHE A 243 0.50 -11.47 10.47
CA PHE A 243 -0.48 -12.43 10.95
C PHE A 243 -0.43 -13.72 10.15
N SER A 244 0.01 -13.61 8.90
CA SER A 244 0.36 -14.77 8.10
C SER A 244 1.46 -15.58 8.76
N ALA A 245 2.61 -14.98 9.02
CA ALA A 245 3.69 -15.68 9.69
C ALA A 245 3.21 -16.36 10.98
N LEU A 246 2.43 -15.64 11.75
CA LEU A 246 1.97 -16.08 13.05
C LEU A 246 1.02 -17.28 12.95
N CYS A 247 0.11 -17.27 11.98
CA CYS A 247 -0.84 -18.35 11.81
C CYS A 247 -0.15 -19.65 11.43
N MET A 248 1.03 -19.54 10.81
CA MET A 248 1.83 -20.72 10.49
C MET A 248 2.81 -21.13 11.61
N ILE A 249 3.40 -20.17 12.30
CA ILE A 249 4.33 -20.51 13.37
C ILE A 249 3.62 -21.36 14.46
N ILE A 250 2.33 -21.10 14.71
CA ILE A 250 1.52 -21.83 15.71
C ILE A 250 0.94 -23.17 15.21
N THR A 251 0.99 -23.39 13.89
CA THR A 251 0.39 -24.56 13.26
C THR A 251 1.42 -25.65 13.17
N GLY A 252 1.15 -26.75 13.85
CA GLY A 252 2.09 -27.84 13.93
C GLY A 252 2.95 -27.74 15.18
N THR A 253 2.86 -26.65 15.91
CA THR A 253 3.70 -26.46 17.08
C THR A 253 2.85 -26.44 18.33
N ILE A 254 2.20 -25.31 18.60
CA ILE A 254 1.34 -25.30 19.76
C ILE A 254 0.03 -26.00 19.42
N TRP A 255 -0.40 -25.91 18.17
CA TRP A 255 -1.65 -26.55 17.77
C TRP A 255 -1.42 -27.49 16.61
N PHE A 256 -1.77 -28.74 16.78
CA PHE A 256 -1.53 -29.77 15.75
C PHE A 256 -2.72 -30.65 15.39
N ASP A 257 -3.86 -30.35 16.00
CA ASP A 257 -5.10 -31.00 15.72
C ASP A 257 -5.83 -30.20 14.66
N GLN A 258 -7.10 -30.51 14.44
CA GLN A 258 -7.92 -29.89 13.41
C GLN A 258 -8.30 -28.53 13.87
N TRP A 259 -8.09 -27.52 13.05
CA TRP A 259 -8.44 -26.17 13.47
C TRP A 259 -9.94 -25.98 13.79
N VAL A 260 -10.84 -26.68 13.14
CA VAL A 260 -12.25 -26.45 13.43
C VAL A 260 -12.53 -26.73 14.90
N ASP A 261 -11.85 -27.72 15.46
CA ASP A 261 -12.10 -28.15 16.86
C ASP A 261 -11.65 -27.15 17.89
N TRP A 262 -10.71 -26.28 17.53
CA TRP A 262 -10.23 -25.25 18.45
C TRP A 262 -11.38 -24.39 18.99
N TRP A 263 -12.41 -24.18 18.18
CA TRP A 263 -13.51 -23.30 18.51
C TRP A 263 -14.41 -23.87 19.56
N GLN A 264 -14.21 -25.12 19.93
CA GLN A 264 -14.94 -25.69 21.05
C GLN A 264 -14.62 -25.00 22.38
N TRP A 265 -13.50 -24.28 22.50
CA TRP A 265 -13.28 -23.52 23.74
C TRP A 265 -14.45 -22.57 24.01
N TRP A 266 -14.89 -21.90 22.97
CA TRP A 266 -15.98 -20.93 23.07
C TRP A 266 -17.28 -21.61 23.41
N VAL A 267 -17.66 -22.60 22.63
CA VAL A 267 -18.99 -23.20 22.78
C VAL A 267 -19.14 -23.96 24.13
N LYS A 268 -18.04 -24.46 24.68
CA LYS A 268 -18.05 -25.22 25.96
C LYS A 268 -17.83 -24.37 27.23
N LEU A 269 -17.71 -23.04 27.11
CA LEU A 269 -17.77 -22.15 28.29
C LEU A 269 -19.01 -22.50 29.14
N PRO A 270 -18.85 -22.61 30.47
CA PRO A 270 -19.85 -23.33 31.30
C PRO A 270 -21.23 -22.64 31.41
N TRP A 271 -21.24 -21.32 31.24
CA TRP A 271 -22.45 -20.48 31.28
C TRP A 271 -23.50 -20.95 30.29
N TRP A 272 -23.05 -21.26 29.08
CA TRP A 272 -23.95 -21.74 28.03
C TRP A 272 -23.73 -23.17 27.55
N ALA A 273 -22.63 -23.80 27.97
CA ALA A 273 -22.26 -25.11 27.44
C ALA A 273 -23.45 -26.09 27.34
N ASN A 274 -24.23 -26.25 28.41
CA ASN A 274 -25.31 -27.24 28.42
C ASN A 274 -26.74 -26.73 28.17
N ILE A 275 -26.89 -25.42 27.97
CA ILE A 275 -28.20 -24.85 27.61
C ILE A 275 -28.64 -25.47 26.28
N PRO A 276 -29.83 -26.09 26.20
CA PRO A 276 -30.21 -26.83 25.00
C PRO A 276 -30.61 -25.92 23.83
N GLY A 277 -30.80 -26.54 22.66
CA GLY A 277 -31.21 -25.81 21.48
C GLY A 277 -30.00 -25.31 20.74
N GLY A 278 -30.23 -24.36 19.85
CA GLY A 278 -29.18 -23.82 19.00
C GLY A 278 -28.71 -24.84 18.01
N ILE A 279 -27.51 -24.61 17.51
CA ILE A 279 -26.81 -25.49 16.59
C ILE A 279 -26.00 -26.53 17.38
N ASN A 280 -25.49 -26.13 18.55
CA ASN A 280 -24.55 -26.91 19.36
C ASN A 280 -25.13 -27.51 20.66
N GLY A 281 -26.36 -27.99 20.62
CA GLY A 281 -26.96 -28.57 21.81
C GLY A 281 -28.33 -29.08 21.49
N ALA B 1 16.70 8.12 18.89
CA ALA B 1 16.67 7.86 17.40
C ALA B 1 16.14 9.08 16.53
N GLU B 2 15.90 8.77 15.25
CA GLU B 2 15.16 9.66 14.35
C GLU B 2 13.63 9.33 14.38
N TYR B 3 12.80 10.38 14.32
CA TYR B 3 11.36 10.27 14.16
C TYR B 3 10.93 9.52 12.88
N GLN B 4 9.90 8.67 12.97
CA GLN B 4 9.49 7.82 11.85
C GLN B 4 8.25 8.25 11.05
N ASN B 5 7.43 9.10 11.65
CA ASN B 5 6.23 9.65 11.03
C ASN B 5 5.12 8.65 10.87
N ILE B 6 5.05 7.70 11.78
CA ILE B 6 3.95 6.74 11.82
C ILE B 6 2.75 7.31 12.65
N PHE B 7 3.10 7.90 13.80
CA PHE B 7 2.19 8.72 14.58
C PHE B 7 2.67 10.16 14.70
N SER B 8 1.72 11.10 14.75
CA SER B 8 2.02 12.51 14.87
C SER B 8 2.55 12.73 16.27
N GLN B 9 3.52 13.64 16.43
CA GLN B 9 4.04 13.96 17.76
C GLN B 9 3.20 14.99 18.49
N VAL B 10 2.59 15.88 17.71
CA VAL B 10 1.77 16.97 18.19
C VAL B 10 0.51 17.01 17.33
N GLN B 11 -0.62 17.21 18.00
CA GLN B 11 -1.86 17.48 17.29
C GLN B 11 -2.23 18.96 17.38
N VAL B 12 -2.81 19.41 16.30
CA VAL B 12 -3.15 20.77 16.10
C VAL B 12 -4.61 20.73 15.63
N ARG B 13 -5.41 21.63 16.16
CA ARG B 13 -6.82 21.65 15.80
C ARG B 13 -7.31 23.06 15.58
N GLY B 14 -8.09 23.22 14.52
CA GLY B 14 -8.77 24.49 14.24
C GLY B 14 -10.28 24.31 14.14
N PRO B 15 -10.97 25.33 13.67
CA PRO B 15 -12.40 25.25 13.47
C PRO B 15 -12.80 24.10 12.56
N ALA B 16 -13.98 23.52 12.80
CA ALA B 16 -14.42 22.37 12.00
C ALA B 16 -14.46 22.72 10.51
N ASP B 17 -14.07 21.78 9.67
CA ASP B 17 -14.06 21.97 8.24
C ASP B 17 -15.32 21.48 7.55
N LEU B 18 -16.13 22.43 7.09
CA LEU B 18 -17.40 22.12 6.44
C LEU B 18 -17.23 21.61 5.02
N GLY B 19 -16.03 21.75 4.46
CA GLY B 19 -15.76 21.15 3.18
C GLY B 19 -15.98 22.08 2.02
N MET B 20 -15.56 21.63 0.83
CA MET B 20 -15.80 22.32 -0.43
C MET B 20 -17.25 22.22 -0.78
N THR B 21 -17.74 23.23 -1.48
CA THR B 21 -19.13 23.29 -1.89
C THR B 21 -19.28 22.78 -3.32
N GLU B 22 -18.66 23.47 -4.28
CA GLU B 22 -18.86 23.15 -5.69
C GLU B 22 -20.36 22.99 -5.89
N ASP B 23 -20.81 21.93 -6.56
CA ASP B 23 -22.23 21.79 -6.85
C ASP B 23 -22.98 20.94 -5.86
N VAL B 24 -22.53 20.90 -4.61
CA VAL B 24 -23.14 19.96 -3.66
C VAL B 24 -24.38 20.64 -3.12
N ASN B 25 -25.41 19.89 -2.84
CA ASN B 25 -26.58 20.45 -2.17
C ASN B 25 -26.32 20.43 -0.67
N LEU B 26 -26.01 21.60 -0.11
CA LEU B 26 -25.52 21.73 1.26
C LEU B 26 -26.63 21.44 2.26
N ALA B 27 -27.87 21.54 1.80
CA ALA B 27 -29.04 21.18 2.56
C ALA B 27 -29.04 19.74 3.02
N ASN B 28 -28.19 18.90 2.42
CA ASN B 28 -28.15 17.49 2.81
C ASN B 28 -26.89 17.05 3.52
N ARG B 29 -26.03 17.98 3.90
CA ARG B 29 -24.87 17.63 4.72
C ARG B 29 -25.30 17.72 6.14
N SER B 30 -24.73 16.86 6.96
CA SER B 30 -25.06 16.80 8.37
C SER B 30 -24.29 17.91 9.05
N GLY B 31 -24.40 17.91 10.37
CA GLY B 31 -23.53 18.72 11.18
C GLY B 31 -22.19 18.01 11.26
N VAL B 32 -21.20 18.73 11.77
CA VAL B 32 -19.94 18.12 12.09
C VAL B 32 -20.07 17.25 13.31
N GLY B 33 -19.29 16.18 13.36
CA GLY B 33 -19.28 15.27 14.50
C GLY B 33 -18.23 15.74 15.46
N PRO B 34 -17.92 14.96 16.48
CA PRO B 34 -16.88 15.33 17.43
C PRO B 34 -15.49 15.20 16.81
N PHE B 35 -14.47 15.64 17.53
CA PHE B 35 -13.11 15.44 17.09
C PHE B 35 -12.51 14.27 17.87
N SER B 36 -11.96 13.29 17.16
CA SER B 36 -11.30 12.17 17.86
C SER B 36 -9.78 12.38 18.01
N THR B 37 -9.35 12.56 19.25
CA THR B 37 -7.93 12.62 19.54
C THR B 37 -7.25 11.33 19.22
N LEU B 38 -7.93 10.25 19.55
CA LEU B 38 -7.40 8.96 19.31
C LEU B 38 -7.04 8.82 17.82
N LEU B 39 -8.01 9.08 16.96
CA LEU B 39 -7.79 9.03 15.54
C LEU B 39 -6.72 10.02 15.04
N GLY B 40 -6.64 11.18 15.70
CA GLY B 40 -5.75 12.28 15.35
C GLY B 40 -4.26 11.98 15.41
N TRP B 41 -3.86 10.94 16.15
CA TRP B 41 -2.46 10.47 16.14
C TRP B 41 -2.05 9.82 14.81
N PHE B 42 -3.03 9.42 14.03
CA PHE B 42 -2.79 8.61 12.85
C PHE B 42 -3.25 9.31 11.59
N GLY B 43 -4.33 10.07 11.71
CA GLY B 43 -4.86 10.79 10.57
C GLY B 43 -5.67 11.93 11.10
N ASN B 44 -6.70 12.32 10.37
CA ASN B 44 -7.51 13.43 10.81
C ASN B 44 -8.32 13.08 12.05
N ALA B 45 -8.57 14.10 12.86
CA ALA B 45 -9.41 14.03 14.05
C ALA B 45 -10.88 14.26 13.72
N GLN B 46 -11.17 14.91 12.60
CA GLN B 46 -12.55 15.32 12.37
C GLN B 46 -13.45 14.21 11.86
N LEU B 47 -14.51 13.96 12.63
CA LEU B 47 -15.61 13.14 12.17
C LEU B 47 -16.68 14.08 11.66
N GLY B 48 -17.21 13.77 10.48
CA GLY B 48 -18.27 14.55 9.85
C GLY B 48 -17.76 15.77 9.08
N PRO B 49 -18.63 16.41 8.30
CA PRO B 49 -20.04 16.01 8.19
C PRO B 49 -20.18 14.84 7.23
N ILE B 50 -21.40 14.38 7.04
CA ILE B 50 -21.66 13.29 6.12
C ILE B 50 -22.76 13.79 5.20
N TYR B 51 -22.89 13.22 4.00
CA TYR B 51 -23.94 13.64 3.06
C TYR B 51 -25.15 12.62 3.08
N LEU B 52 -26.38 13.08 3.21
CA LEU B 52 -27.47 12.14 3.17
C LEU B 52 -28.53 12.60 2.21
N GLY B 53 -28.49 12.03 1.02
CA GLY B 53 -29.54 12.27 0.06
C GLY B 53 -30.51 11.11 0.07
N SER B 54 -31.36 11.11 -0.95
CA SER B 54 -32.33 10.05 -1.15
C SER B 54 -31.64 8.72 -1.33
N LEU B 55 -30.53 8.75 -2.07
CA LEU B 55 -29.83 7.52 -2.45
C LEU B 55 -29.12 6.93 -1.23
N GLY B 56 -28.62 7.82 -0.37
CA GLY B 56 -27.98 7.40 0.88
C GLY B 56 -28.98 6.77 1.85
N VAL B 57 -30.12 7.41 2.02
CA VAL B 57 -31.07 6.94 3.00
C VAL B 57 -31.62 5.62 2.52
N LEU B 58 -31.80 5.49 1.21
CA LEU B 58 -32.24 4.22 0.64
C LEU B 58 -31.20 3.11 0.93
N SER B 59 -29.96 3.32 0.51
CA SER B 59 -28.90 2.36 0.77
C SER B 59 -28.94 1.91 2.23
N LEU B 60 -28.97 2.88 3.11
CA LEU B 60 -28.83 2.65 4.54
C LEU B 60 -30.06 1.95 5.13
N PHE B 61 -31.25 2.35 4.66
CA PHE B 61 -32.45 1.65 5.04
C PHE B 61 -32.38 0.18 4.61
N SER B 62 -31.99 -0.09 3.36
CA SER B 62 -31.97 -1.49 2.85
C SER B 62 -30.91 -2.29 3.52
N GLY B 63 -29.72 -1.71 3.63
CA GLY B 63 -28.64 -2.35 4.31
C GLY B 63 -28.98 -2.87 5.69
N LEU B 64 -29.63 -2.02 6.50
CA LEU B 64 -30.21 -2.43 7.81
C LEU B 64 -31.28 -3.52 7.74
N MET B 65 -32.16 -3.46 6.74
CA MET B 65 -33.15 -4.51 6.55
C MET B 65 -32.53 -5.87 6.21
N TRP B 66 -31.38 -5.84 5.54
CA TRP B 66 -30.67 -7.05 5.17
C TRP B 66 -30.11 -7.69 6.43
N PHE B 67 -29.29 -6.93 7.14
CA PHE B 67 -28.77 -7.26 8.45
C PHE B 67 -29.84 -7.79 9.43
N PHE B 68 -30.93 -7.06 9.64
CA PHE B 68 -32.00 -7.53 10.53
C PHE B 68 -32.71 -8.76 10.00
N THR B 69 -32.83 -8.91 8.69
CA THR B 69 -33.45 -10.11 8.14
C THR B 69 -32.67 -11.34 8.55
N ILE B 70 -31.35 -11.27 8.41
CA ILE B 70 -30.45 -12.35 8.82
C ILE B 70 -30.57 -12.63 10.34
N GLY B 71 -30.40 -11.57 11.14
CA GLY B 71 -30.51 -11.65 12.61
C GLY B 71 -31.81 -12.23 13.19
N ILE B 72 -32.94 -11.95 12.54
CA ILE B 72 -34.21 -12.56 12.90
C ILE B 72 -34.07 -14.07 12.75
N TRP B 73 -33.49 -14.50 11.63
CA TRP B 73 -33.24 -15.92 11.38
C TRP B 73 -32.30 -16.54 12.42
N PHE B 74 -31.25 -15.80 12.78
CA PHE B 74 -30.30 -16.28 13.80
C PHE B 74 -30.95 -16.41 15.19
N TRP B 75 -31.68 -15.37 15.61
CA TRP B 75 -32.45 -15.38 16.88
C TRP B 75 -33.41 -16.55 16.94
N TYR B 76 -34.09 -16.79 15.82
CA TYR B 76 -34.91 -17.95 15.65
C TYR B 76 -34.14 -19.28 15.83
N GLN B 77 -33.10 -19.50 15.05
CA GLN B 77 -32.26 -20.70 15.22
C GLN B 77 -31.80 -20.89 16.66
N ALA B 78 -31.59 -19.80 17.38
CA ALA B 78 -31.17 -19.83 18.78
C ALA B 78 -32.32 -20.04 19.75
N GLY B 79 -33.40 -20.69 19.33
CA GLY B 79 -34.62 -20.77 20.18
C GLY B 79 -34.96 -19.51 20.98
N TRP B 80 -34.63 -18.35 20.44
CA TRP B 80 -34.90 -17.05 21.08
C TRP B 80 -34.12 -16.75 22.36
N ASN B 81 -33.08 -17.50 22.71
CA ASN B 81 -32.38 -17.15 23.96
C ASN B 81 -30.93 -16.69 23.76
N PRO B 82 -30.56 -15.63 24.49
CA PRO B 82 -29.33 -14.86 24.21
C PRO B 82 -27.99 -15.53 24.55
N ALA B 83 -28.01 -16.52 25.43
CA ALA B 83 -26.81 -17.31 25.67
C ALA B 83 -26.54 -18.19 24.42
N VAL B 84 -27.56 -18.96 24.00
CA VAL B 84 -27.47 -19.78 22.78
C VAL B 84 -27.13 -18.90 21.58
N PHE B 85 -27.71 -17.70 21.55
CA PHE B 85 -27.44 -16.76 20.47
C PHE B 85 -25.95 -16.39 20.39
N LEU B 86 -25.37 -16.00 21.51
CA LEU B 86 -23.94 -15.70 21.54
C LEU B 86 -23.09 -16.96 21.40
N ARG B 87 -23.56 -18.06 21.97
CA ARG B 87 -22.78 -19.27 21.95
C ARG B 87 -22.58 -19.74 20.51
N ASP B 88 -23.67 -19.78 19.74
CA ASP B 88 -23.62 -20.29 18.37
C ASP B 88 -23.57 -19.21 17.27
N LEU B 89 -23.21 -17.99 17.62
CA LEU B 89 -23.24 -16.90 16.64
C LEU B 89 -22.60 -17.28 15.30
N PHE B 90 -21.45 -17.93 15.37
CA PHE B 90 -20.64 -18.21 14.21
C PHE B 90 -21.16 -19.36 13.37
N PHE B 91 -22.07 -20.15 13.95
CA PHE B 91 -22.57 -21.40 13.39
C PHE B 91 -23.94 -21.26 12.77
N PHE B 92 -24.66 -20.19 13.09
CA PHE B 92 -25.96 -19.93 12.49
C PHE B 92 -25.75 -19.60 11.02
N SER B 93 -26.74 -19.95 10.19
CA SER B 93 -26.67 -19.65 8.77
C SER B 93 -28.04 -19.50 8.16
N LEU B 94 -28.17 -18.53 7.26
CA LEU B 94 -29.36 -18.39 6.39
C LEU B 94 -28.98 -18.95 5.01
N GLU B 95 -29.45 -20.17 4.74
CA GLU B 95 -29.09 -20.91 3.52
C GLU B 95 -30.07 -20.51 2.39
N PRO B 96 -29.63 -20.56 1.14
CA PRO B 96 -30.51 -20.35 0.01
C PRO B 96 -31.48 -21.52 -0.22
N PRO B 97 -32.42 -21.35 -1.14
CA PRO B 97 -33.37 -22.42 -1.41
C PRO B 97 -32.71 -23.68 -1.95
N ALA B 98 -33.43 -24.79 -1.79
CA ALA B 98 -32.94 -26.07 -2.26
C ALA B 98 -32.96 -26.08 -3.78
N PRO B 99 -32.13 -26.93 -4.38
CA PRO B 99 -32.10 -27.07 -5.85
C PRO B 99 -33.52 -27.28 -6.44
N GLU B 100 -34.28 -28.12 -5.74
CA GLU B 100 -35.69 -28.36 -6.03
C GLU B 100 -36.45 -27.15 -6.56
N TYR B 101 -36.26 -25.96 -5.99
CA TYR B 101 -37.05 -24.77 -6.38
C TYR B 101 -36.41 -24.00 -7.52
N GLY B 102 -35.27 -24.52 -8.01
CA GLY B 102 -34.46 -23.86 -9.03
C GLY B 102 -34.33 -22.36 -8.82
N LEU B 103 -34.71 -21.58 -9.83
CA LEU B 103 -34.70 -20.14 -9.78
C LEU B 103 -36.06 -19.57 -9.36
N SER B 104 -37.00 -20.41 -8.93
CA SER B 104 -38.34 -19.90 -8.56
C SER B 104 -38.25 -19.02 -7.31
N PHE B 105 -39.15 -18.04 -7.19
CA PHE B 105 -39.32 -17.30 -5.93
C PHE B 105 -40.43 -17.90 -5.03
N ALA B 106 -40.87 -19.13 -5.31
CA ALA B 106 -41.96 -19.79 -4.57
C ALA B 106 -41.57 -20.58 -3.28
N ALA B 107 -40.27 -20.67 -2.99
CA ALA B 107 -39.77 -21.39 -1.80
C ALA B 107 -40.20 -20.72 -0.48
N PRO B 108 -40.64 -21.51 0.51
CA PRO B 108 -41.13 -20.93 1.78
C PRO B 108 -40.08 -20.18 2.60
N LEU B 109 -40.55 -19.29 3.46
CA LEU B 109 -39.72 -18.47 4.33
C LEU B 109 -38.68 -19.28 5.04
N LYS B 110 -39.09 -20.40 5.63
CA LYS B 110 -38.17 -21.22 6.41
C LYS B 110 -37.22 -22.06 5.58
N GLU B 111 -37.38 -22.08 4.27
CA GLU B 111 -36.54 -22.92 3.43
C GLU B 111 -36.12 -22.26 2.13
N GLY B 112 -35.53 -21.07 2.22
CA GLY B 112 -35.11 -20.30 1.05
C GLY B 112 -35.69 -18.89 0.99
N GLY B 113 -36.99 -18.77 1.21
CA GLY B 113 -37.68 -17.49 1.08
C GLY B 113 -37.06 -16.31 1.80
N LEU B 114 -36.58 -16.54 3.01
CA LEU B 114 -35.89 -15.49 3.75
C LEU B 114 -34.57 -15.11 3.11
N TRP B 115 -33.85 -16.10 2.58
CA TRP B 115 -32.58 -15.83 1.89
C TRP B 115 -32.78 -14.80 0.74
N LEU B 116 -33.89 -14.95 0.03
CA LEU B 116 -34.24 -14.13 -1.12
C LEU B 116 -34.59 -12.73 -0.69
N ILE B 117 -35.42 -12.62 0.33
CA ILE B 117 -35.78 -11.32 0.84
C ILE B 117 -34.50 -10.56 1.22
N ALA B 118 -33.69 -11.20 2.06
CA ALA B 118 -32.42 -10.62 2.47
C ALA B 118 -31.58 -10.26 1.26
N SER B 119 -31.40 -11.21 0.33
CA SER B 119 -30.63 -10.92 -0.89
C SER B 119 -31.21 -9.71 -1.69
N PHE B 120 -32.53 -9.64 -1.82
CA PHE B 120 -33.13 -8.50 -2.47
C PHE B 120 -32.64 -7.20 -1.82
N PHE B 121 -32.72 -7.15 -0.49
CA PHE B 121 -32.35 -5.93 0.24
C PHE B 121 -30.87 -5.58 0.10
N MET B 122 -30.04 -6.61 0.10
CA MET B 122 -28.61 -6.42 -0.15
C MET B 122 -28.34 -5.86 -1.55
N PHE B 123 -29.12 -6.34 -2.52
CA PHE B 123 -28.97 -5.94 -3.92
C PHE B 123 -29.19 -4.47 -4.08
N VAL B 124 -30.21 -3.92 -3.45
CA VAL B 124 -30.49 -2.49 -3.65
C VAL B 124 -29.53 -1.67 -2.79
N ALA B 125 -29.20 -2.19 -1.62
CA ALA B 125 -28.26 -1.50 -0.72
C ALA B 125 -26.96 -1.19 -1.43
N VAL B 126 -26.45 -2.18 -2.15
CA VAL B 126 -25.16 -2.05 -2.81
C VAL B 126 -25.22 -1.16 -4.06
N TRP B 127 -26.23 -1.37 -4.90
CA TRP B 127 -26.28 -0.64 -6.17
C TRP B 127 -26.52 0.82 -5.89
N SER B 128 -27.31 1.09 -4.86
CA SER B 128 -27.65 2.48 -4.51
C SER B 128 -26.42 3.16 -3.93
N TRP B 129 -25.71 2.43 -3.08
CA TRP B 129 -24.40 2.89 -2.64
C TRP B 129 -23.43 3.17 -3.80
N TRP B 130 -23.52 2.35 -4.85
CA TRP B 130 -22.70 2.53 -6.03
C TRP B 130 -23.03 3.88 -6.68
N GLY B 131 -24.31 4.19 -6.87
CA GLY B 131 -24.73 5.42 -7.51
C GLY B 131 -24.28 6.62 -6.71
N ARG B 132 -24.35 6.47 -5.40
CA ARG B 132 -23.94 7.51 -4.49
C ARG B 132 -22.42 7.79 -4.59
N THR B 133 -21.65 6.74 -4.70
CA THR B 133 -20.25 6.86 -5.07
C THR B 133 -20.00 7.75 -6.35
N TYR B 134 -20.86 7.60 -7.34
CA TYR B 134 -20.71 8.33 -8.59
C TYR B 134 -21.14 9.80 -8.41
N LEU B 135 -22.31 9.97 -7.80
CA LEU B 135 -22.92 11.27 -7.67
C LEU B 135 -22.16 12.20 -6.74
N ARG B 136 -21.68 11.66 -5.63
CA ARG B 136 -20.78 12.41 -4.75
C ARG B 136 -19.57 12.97 -5.50
N ALA B 137 -19.00 12.20 -6.42
CA ALA B 137 -17.86 12.66 -7.24
C ALA B 137 -18.27 13.75 -8.24
N GLN B 138 -19.36 13.51 -8.93
CA GLN B 138 -19.89 14.48 -9.88
C GLN B 138 -20.21 15.80 -9.23
N ALA B 139 -20.82 15.79 -8.03
CA ALA B 139 -21.20 17.03 -7.35
C ALA B 139 -20.01 17.90 -7.09
N LEU B 140 -18.84 17.31 -6.94
CA LEU B 140 -17.60 18.02 -6.72
C LEU B 140 -16.72 18.15 -7.97
N GLY B 141 -17.20 17.62 -9.09
CA GLY B 141 -16.51 17.79 -10.38
C GLY B 141 -15.27 16.98 -10.57
N MET B 142 -15.17 15.91 -9.80
CA MET B 142 -14.04 14.98 -9.85
C MET B 142 -14.28 13.84 -10.86
N GLY B 143 -13.20 13.13 -11.15
CA GLY B 143 -13.30 11.93 -11.96
C GLY B 143 -14.15 10.86 -11.28
N LYS B 144 -14.56 9.85 -12.08
CA LYS B 144 -15.38 8.73 -11.58
C LYS B 144 -14.56 7.48 -11.29
N HIS B 145 -13.29 7.67 -11.02
CA HIS B 145 -12.38 6.57 -10.68
C HIS B 145 -12.91 5.72 -9.57
N THR B 146 -13.45 6.31 -8.52
CA THR B 146 -13.93 5.54 -7.39
C THR B 146 -15.14 4.64 -7.78
N ALA B 147 -16.09 5.17 -8.54
CA ALA B 147 -17.22 4.35 -8.94
C ALA B 147 -16.77 3.21 -9.83
N TRP B 148 -15.78 3.47 -10.69
CA TRP B 148 -15.31 2.42 -11.57
C TRP B 148 -14.50 1.37 -10.82
N ALA B 149 -13.63 1.75 -9.89
CA ALA B 149 -12.95 0.75 -9.10
C ALA B 149 -13.95 -0.09 -8.27
N PHE B 150 -15.00 0.53 -7.74
CA PHE B 150 -15.99 -0.15 -6.89
C PHE B 150 -16.77 -1.17 -7.71
N LEU B 151 -16.90 -0.86 -8.97
CA LEU B 151 -17.61 -1.75 -9.87
C LEU B 151 -16.88 -3.12 -10.04
N SER B 152 -15.56 -3.06 -10.10
CA SER B 152 -14.76 -4.26 -10.10
C SER B 152 -15.10 -5.19 -8.91
N ALA B 153 -15.37 -4.61 -7.73
CA ALA B 153 -15.66 -5.41 -6.54
C ALA B 153 -17.07 -5.96 -6.63
N ILE B 154 -17.97 -5.16 -7.20
CA ILE B 154 -19.37 -5.53 -7.42
C ILE B 154 -19.46 -6.67 -8.42
N TRP B 155 -18.53 -6.67 -9.37
CA TRP B 155 -18.47 -7.75 -10.34
C TRP B 155 -18.39 -9.11 -9.63
N LEU B 156 -17.39 -9.31 -8.74
CA LEU B 156 -17.22 -10.59 -8.06
C LEU B 156 -18.43 -10.96 -7.19
N TRP B 157 -18.90 -10.01 -6.40
CA TRP B 157 -20.12 -10.17 -5.58
C TRP B 157 -21.33 -10.58 -6.42
N MET B 158 -21.54 -9.90 -7.55
CA MET B 158 -22.66 -10.19 -8.48
C MET B 158 -22.55 -11.56 -9.12
N VAL B 159 -21.32 -11.96 -9.44
CA VAL B 159 -21.07 -13.28 -10.03
C VAL B 159 -21.40 -14.36 -8.99
N LEU B 160 -20.90 -14.17 -7.76
CA LEU B 160 -21.06 -15.15 -6.69
C LEU B 160 -22.50 -15.47 -6.34
N GLY B 161 -23.33 -14.44 -6.20
CA GLY B 161 -24.67 -14.64 -5.68
C GLY B 161 -25.79 -14.42 -6.64
N PHE B 162 -25.49 -13.93 -7.85
CA PHE B 162 -26.55 -13.63 -8.80
C PHE B 162 -26.34 -14.26 -10.19
N ILE B 163 -25.30 -13.85 -10.91
CA ILE B 163 -25.11 -14.30 -12.30
C ILE B 163 -24.85 -15.81 -12.37
N ARG B 164 -23.91 -16.30 -11.58
CA ARG B 164 -23.56 -17.71 -11.67
C ARG B 164 -24.73 -18.60 -11.23
N PRO B 165 -25.40 -18.29 -10.11
CA PRO B 165 -26.69 -18.95 -9.82
C PRO B 165 -27.70 -18.91 -10.99
N ILE B 166 -27.91 -17.77 -11.67
CA ILE B 166 -28.85 -17.73 -12.82
C ILE B 166 -28.41 -18.66 -13.93
N LEU B 167 -27.14 -18.54 -14.30
CA LEU B 167 -26.57 -19.37 -15.33
C LEU B 167 -26.57 -20.86 -14.97
N MET B 168 -26.58 -21.26 -13.69
CA MET B 168 -26.68 -22.70 -13.36
C MET B 168 -28.11 -23.17 -13.12
N GLY B 169 -29.06 -22.24 -13.19
CA GLY B 169 -30.46 -22.54 -12.97
C GLY B 169 -30.90 -22.85 -11.54
N SER B 170 -30.12 -22.52 -10.54
CA SER B 170 -30.67 -22.56 -9.19
C SER B 170 -30.00 -21.62 -8.21
N TRP B 171 -30.85 -21.11 -7.33
CA TRP B 171 -30.42 -20.26 -6.24
C TRP B 171 -29.57 -21.04 -5.24
N SER B 172 -29.65 -22.38 -5.26
CA SER B 172 -28.96 -23.20 -4.27
C SER B 172 -27.45 -23.01 -4.40
N GLU B 173 -27.02 -22.67 -5.62
CA GLU B 173 -25.60 -22.42 -5.92
C GLU B 173 -24.96 -21.15 -5.31
N ALA B 174 -25.79 -20.28 -4.74
CA ALA B 174 -25.32 -18.99 -4.19
C ALA B 174 -24.73 -19.17 -2.78
N VAL B 175 -24.22 -18.08 -2.21
CA VAL B 175 -23.51 -18.13 -0.93
C VAL B 175 -24.50 -17.92 0.21
N PRO B 176 -24.38 -18.72 1.27
CA PRO B 176 -25.23 -18.55 2.43
C PRO B 176 -24.72 -17.43 3.34
N TYR B 177 -25.60 -16.89 4.16
CA TYR B 177 -25.24 -15.78 5.02
C TYR B 177 -24.95 -16.38 6.38
N GLY B 178 -23.67 -16.52 6.70
CA GLY B 178 -23.23 -17.04 7.99
C GLY B 178 -21.72 -16.89 8.10
N ILE B 179 -21.17 -16.86 9.30
CA ILE B 179 -19.72 -16.73 9.35
C ILE B 179 -19.03 -18.04 8.97
N PHE B 180 -19.25 -19.10 9.75
CA PHE B 180 -18.63 -20.38 9.38
C PHE B 180 -19.24 -20.97 8.11
N SER B 181 -20.56 -20.80 7.90
CA SER B 181 -21.19 -21.42 6.76
C SER B 181 -20.65 -20.92 5.43
N HIS B 182 -20.28 -19.67 5.33
CA HIS B 182 -19.73 -19.19 4.06
C HIS B 182 -18.26 -19.57 3.84
N LEU B 183 -17.54 -19.91 4.90
CA LEU B 183 -16.21 -20.52 4.73
C LEU B 183 -16.35 -21.97 4.20
N ASP B 184 -17.26 -22.74 4.81
CA ASP B 184 -17.54 -24.09 4.36
C ASP B 184 -17.89 -24.09 2.88
N TRP B 185 -18.75 -23.17 2.49
CA TRP B 185 -19.15 -23.03 1.08
C TRP B 185 -17.93 -22.87 0.18
N THR B 186 -17.06 -21.96 0.54
CA THR B 186 -15.88 -21.63 -0.23
C THR B 186 -14.95 -22.83 -0.45
N ASN B 187 -14.64 -23.53 0.64
CA ASN B 187 -13.83 -24.75 0.61
C ASN B 187 -14.51 -25.81 -0.23
N ASN B 188 -15.80 -25.93 -0.03
CA ASN B 188 -16.62 -26.85 -0.80
C ASN B 188 -16.65 -26.56 -2.33
N PHE B 189 -16.81 -25.29 -2.69
CA PHE B 189 -16.76 -24.84 -4.09
C PHE B 189 -15.53 -25.35 -4.79
N SER B 190 -14.40 -25.27 -4.10
CA SER B 190 -13.12 -25.60 -4.69
C SER B 190 -13.07 -27.09 -4.96
N LEU B 191 -13.39 -27.90 -3.94
CA LEU B 191 -13.41 -29.39 -4.04
C LEU B 191 -14.24 -29.92 -5.20
N VAL B 192 -15.43 -29.37 -5.30
CA VAL B 192 -16.40 -29.73 -6.28
C VAL B 192 -15.95 -29.40 -7.72
N HIS B 193 -15.06 -28.44 -7.88
CA HIS B 193 -14.64 -28.00 -9.22
C HIS B 193 -13.21 -28.42 -9.51
N GLY B 194 -12.72 -29.39 -8.75
CA GLY B 194 -11.48 -30.03 -9.10
C GLY B 194 -10.25 -29.26 -8.70
N ASN B 195 -10.37 -28.51 -7.62
CA ASN B 195 -9.28 -27.73 -7.04
C ASN B 195 -9.02 -26.43 -7.78
N LEU B 196 -9.39 -25.34 -7.15
CA LEU B 196 -9.36 -24.03 -7.77
C LEU B 196 -7.93 -23.55 -7.99
N PHE B 197 -6.93 -24.19 -7.37
CA PHE B 197 -5.53 -23.86 -7.69
C PHE B 197 -5.16 -24.16 -9.15
N TYR B 198 -5.93 -24.99 -9.86
CA TYR B 198 -5.73 -25.15 -11.29
C TYR B 198 -6.57 -24.18 -12.11
N ASN B 199 -7.34 -23.31 -11.49
CA ASN B 199 -8.04 -22.28 -12.23
C ASN B 199 -7.04 -21.14 -12.48
N PRO B 200 -6.67 -20.85 -13.72
CA PRO B 200 -5.64 -19.82 -13.99
C PRO B 200 -6.06 -18.44 -13.51
N PHE B 201 -7.33 -18.14 -13.64
CA PHE B 201 -7.88 -16.91 -13.12
C PHE B 201 -7.74 -16.77 -11.61
N HIS B 202 -7.98 -17.87 -10.89
CA HIS B 202 -7.77 -17.88 -9.45
C HIS B 202 -6.32 -17.53 -9.14
N GLY B 203 -5.40 -18.18 -9.81
CA GLY B 203 -3.99 -17.85 -9.63
C GLY B 203 -3.59 -16.42 -9.94
N LEU B 204 -4.28 -15.76 -10.86
CA LEU B 204 -3.98 -14.35 -11.18
C LEU B 204 -4.53 -13.45 -10.06
N SER B 205 -5.79 -13.62 -9.75
CA SER B 205 -6.34 -13.08 -8.55
C SER B 205 -5.36 -13.14 -7.38
N ILE B 206 -4.80 -14.31 -7.07
CA ILE B 206 -3.84 -14.39 -5.96
C ILE B 206 -2.69 -13.41 -6.18
N ALA B 207 -2.15 -13.40 -7.40
CA ALA B 207 -0.97 -12.61 -7.74
C ALA B 207 -1.25 -11.12 -7.52
N PHE B 208 -2.43 -10.65 -7.90
CA PHE B 208 -2.80 -9.24 -7.71
C PHE B 208 -3.14 -8.89 -6.23
N LEU B 209 -3.53 -9.89 -5.46
CA LEU B 209 -3.88 -9.71 -4.09
C LEU B 209 -2.62 -9.54 -3.33
N TYR B 210 -1.70 -10.47 -3.54
CA TYR B 210 -0.37 -10.38 -2.98
C TYR B 210 0.31 -9.10 -3.52
N GLY B 211 0.07 -8.86 -4.81
CA GLY B 211 0.72 -7.74 -5.47
C GLY B 211 0.27 -6.43 -4.89
N SER B 212 -1.01 -6.36 -4.49
CA SER B 212 -1.59 -5.21 -3.86
C SER B 212 -0.92 -4.97 -2.52
N ALA B 213 -0.65 -6.02 -1.77
CA ALA B 213 0.03 -5.83 -0.50
C ALA B 213 1.45 -5.35 -0.73
N LEU B 214 2.14 -5.98 -1.66
CA LEU B 214 3.46 -5.54 -2.07
C LEU B 214 3.49 -4.05 -2.46
N LEU B 215 2.54 -3.62 -3.27
CA LEU B 215 2.59 -2.29 -3.84
C LEU B 215 2.25 -1.20 -2.82
N PHE B 216 1.20 -1.46 -2.01
CA PHE B 216 0.85 -0.55 -0.98
C PHE B 216 1.93 -0.50 0.04
N ALA B 217 2.60 -1.61 0.30
CA ALA B 217 3.77 -1.56 1.22
C ALA B 217 4.87 -0.68 0.63
N MET B 218 5.15 -0.85 -0.65
CA MET B 218 6.15 -0.02 -1.33
C MET B 218 5.75 1.45 -1.33
N HIS B 219 4.48 1.71 -1.65
CA HIS B 219 4.06 3.04 -1.89
C HIS B 219 3.98 3.91 -0.62
N GLY B 220 3.34 3.34 0.40
CA GLY B 220 3.28 3.97 1.70
C GLY B 220 4.67 4.15 2.27
N ALA B 221 5.51 3.12 2.28
CA ALA B 221 6.85 3.27 2.84
C ALA B 221 7.58 4.43 2.10
N THR B 222 7.42 4.50 0.78
CA THR B 222 8.09 5.51 -0.03
C THR B 222 7.62 6.91 0.40
N ILE B 223 6.32 7.11 0.34
CA ILE B 223 5.75 8.39 0.79
C ILE B 223 6.15 8.78 2.22
N LEU B 224 6.16 7.84 3.17
CA LEU B 224 6.71 8.17 4.50
C LEU B 224 8.19 8.50 4.43
N ALA B 225 8.96 7.79 3.62
CA ALA B 225 10.41 8.09 3.52
C ALA B 225 10.73 9.52 2.98
N VAL B 226 9.91 10.01 2.07
CA VAL B 226 10.06 11.36 1.54
C VAL B 226 9.05 12.40 2.11
N SER B 227 8.41 12.08 3.22
CA SER B 227 7.50 13.02 3.86
C SER B 227 8.27 14.18 4.51
N ARG B 228 9.56 14.02 4.75
CA ARG B 228 10.44 15.12 5.16
C ARG B 228 10.65 16.17 4.03
N PHE B 229 10.20 15.89 2.81
CA PHE B 229 10.21 16.90 1.75
C PHE B 229 8.77 17.11 1.30
N GLY B 230 7.81 16.78 2.12
CA GLY B 230 6.43 17.02 1.77
C GLY B 230 5.85 16.11 0.71
N GLY B 231 6.34 14.88 0.65
CA GLY B 231 5.84 13.84 -0.28
C GLY B 231 4.33 13.56 -0.26
N GLU B 232 3.69 13.60 0.92
CA GLU B 232 2.26 13.23 1.00
C GLU B 232 1.41 14.16 0.20
N ARG B 233 1.96 15.33 -0.13
CA ARG B 233 1.26 16.37 -0.89
C ARG B 233 1.33 16.07 -2.37
N GLU B 234 0.67 14.98 -2.71
CA GLU B 234 0.78 14.33 -4.00
C GLU B 234 0.23 15.14 -5.17
N LEU B 235 -0.87 15.88 -4.96
CA LEU B 235 -1.44 16.61 -6.12
C LEU B 235 -0.57 17.77 -6.59
N GLU B 236 0.02 18.49 -5.63
CA GLU B 236 0.92 19.58 -5.95
C GLU B 236 2.26 19.11 -6.48
N GLN B 237 2.72 17.94 -6.03
CA GLN B 237 3.92 17.31 -6.59
C GLN B 237 3.64 16.84 -8.02
N ILE B 238 2.37 16.57 -8.36
CA ILE B 238 1.99 16.23 -9.77
C ILE B 238 2.13 17.46 -10.67
N ALA B 239 1.62 18.57 -10.13
CA ALA B 239 1.56 19.81 -10.81
C ALA B 239 2.92 20.45 -10.90
N ASP B 240 3.82 20.11 -9.97
CA ASP B 240 5.06 20.85 -9.80
C ASP B 240 6.05 19.99 -9.03
N ARG B 241 6.66 19.07 -9.75
CA ARG B 241 7.59 18.09 -9.18
C ARG B 241 8.61 18.71 -8.24
N GLY B 242 8.74 18.11 -7.07
CA GLY B 242 9.73 18.53 -6.11
C GLY B 242 10.73 17.46 -5.82
N THR B 243 11.59 17.71 -4.84
CA THR B 243 12.72 16.79 -4.61
C THR B 243 12.18 15.50 -4.02
N ALA B 244 11.05 15.60 -3.32
CA ALA B 244 10.33 14.42 -2.82
C ALA B 244 10.03 13.48 -3.97
N ALA B 245 9.41 13.97 -5.04
CA ALA B 245 9.09 13.11 -6.18
C ALA B 245 10.36 12.53 -6.84
N GLU B 246 11.38 13.38 -6.91
CA GLU B 246 12.63 13.02 -7.57
C GLU B 246 13.36 11.89 -6.85
N ARG B 247 13.47 12.02 -5.53
CA ARG B 247 14.13 11.01 -4.71
C ARG B 247 13.34 9.69 -4.64
N ALA B 248 12.02 9.80 -4.57
CA ALA B 248 11.13 8.64 -4.62
C ALA B 248 11.33 7.85 -5.90
N ALA B 249 11.34 8.53 -7.05
CA ALA B 249 11.65 7.85 -8.34
C ALA B 249 13.02 7.24 -8.33
N LEU B 250 13.97 7.98 -7.82
CA LEU B 250 15.37 7.57 -7.94
C LEU B 250 15.69 6.42 -7.04
N PHE B 251 15.07 6.34 -5.87
CA PHE B 251 15.29 5.22 -5.01
C PHE B 251 15.05 3.93 -5.79
N TRP B 252 13.93 3.92 -6.51
CA TRP B 252 13.42 2.73 -7.19
C TRP B 252 14.13 2.39 -8.50
N ARG B 253 14.43 3.44 -9.25
CA ARG B 253 15.27 3.32 -10.42
C ARG B 253 16.60 2.69 -10.02
N TRP B 254 17.24 3.19 -8.97
CA TRP B 254 18.55 2.65 -8.53
C TRP B 254 18.45 1.25 -7.95
N THR B 255 17.29 0.93 -7.39
CA THR B 255 17.02 -0.38 -6.83
C THR B 255 16.72 -1.46 -7.91
N MET B 256 15.78 -1.17 -8.79
CA MET B 256 15.27 -2.18 -9.70
C MET B 256 15.28 -1.76 -11.19
N GLY B 257 15.76 -0.57 -11.51
CA GLY B 257 16.00 -0.22 -12.90
C GLY B 257 14.92 0.58 -13.58
N PHE B 258 13.84 0.86 -12.91
CA PHE B 258 12.79 1.66 -13.50
C PHE B 258 11.97 2.28 -12.37
N ASN B 259 11.07 3.20 -12.74
CA ASN B 259 10.36 3.98 -11.75
C ASN B 259 9.03 4.54 -12.26
N ALA B 260 8.28 5.11 -11.33
CA ALA B 260 7.04 5.74 -11.63
C ALA B 260 7.16 7.28 -11.50
N THR B 261 6.07 7.94 -11.87
CA THR B 261 5.82 9.32 -11.52
C THR B 261 4.87 9.33 -10.35
N MET B 262 4.69 10.50 -9.79
CA MET B 262 3.74 10.71 -8.74
C MET B 262 2.27 10.47 -9.18
N GLU B 263 1.91 10.84 -10.41
CA GLU B 263 0.59 10.48 -10.90
C GLU B 263 0.63 9.01 -11.24
N GLY B 264 1.57 8.63 -12.09
CA GLY B 264 1.70 7.22 -12.53
C GLY B 264 1.59 6.07 -11.51
N ILE B 265 2.26 6.18 -10.37
CA ILE B 265 2.14 5.18 -9.33
C ILE B 265 0.67 4.90 -8.94
N HIS B 266 -0.20 5.90 -9.04
CA HIS B 266 -1.60 5.73 -8.63
C HIS B 266 -2.42 4.98 -9.68
N ARG B 267 -1.95 5.01 -10.91
CA ARG B 267 -2.50 4.17 -11.94
C ARG B 267 -2.09 2.72 -11.74
N TRP B 268 -0.81 2.52 -11.45
CA TRP B 268 -0.34 1.19 -11.03
C TRP B 268 -1.21 0.72 -9.87
N ALA B 269 -1.43 1.58 -8.88
CA ALA B 269 -2.22 1.21 -7.68
C ALA B 269 -3.66 0.80 -7.99
N ILE B 270 -4.38 1.63 -8.73
CA ILE B 270 -5.75 1.35 -8.94
C ILE B 270 -5.89 0.11 -9.75
N TRP B 271 -4.98 -0.15 -10.67
CA TRP B 271 -5.15 -1.37 -11.48
C TRP B 271 -4.78 -2.68 -10.79
N MET B 272 -3.67 -2.65 -10.06
CA MET B 272 -3.27 -3.80 -9.25
C MET B 272 -4.44 -4.28 -8.43
N ALA B 273 -5.15 -3.39 -7.76
CA ALA B 273 -6.25 -3.76 -6.85
C ALA B 273 -7.46 -4.22 -7.61
N VAL B 274 -7.89 -3.42 -8.55
CA VAL B 274 -9.05 -3.68 -9.36
C VAL B 274 -8.97 -5.05 -10.02
N LEU B 275 -7.78 -5.44 -10.45
CA LEU B 275 -7.61 -6.74 -11.13
C LEU B 275 -7.80 -8.00 -10.25
N VAL B 276 -7.69 -7.84 -8.94
CA VAL B 276 -8.04 -8.91 -8.02
C VAL B 276 -9.43 -9.44 -8.29
N THR B 277 -10.44 -8.58 -8.20
CA THR B 277 -11.83 -8.99 -8.32
C THR B 277 -12.24 -9.17 -9.76
N LEU B 278 -11.49 -8.54 -10.66
CA LEU B 278 -11.82 -8.64 -12.07
C LEU B 278 -11.52 -10.05 -12.60
N THR B 279 -10.32 -10.53 -12.30
CA THR B 279 -9.88 -11.84 -12.70
C THR B 279 -10.61 -12.86 -11.85
N GLY B 280 -10.75 -12.61 -10.56
CA GLY B 280 -11.49 -13.51 -9.70
C GLY B 280 -12.90 -13.79 -10.20
N GLY B 281 -13.61 -12.75 -10.60
CA GLY B 281 -14.99 -12.91 -10.98
C GLY B 281 -15.10 -13.75 -12.23
N ILE B 282 -14.15 -13.58 -13.15
CA ILE B 282 -14.11 -14.42 -14.33
C ILE B 282 -13.82 -15.89 -14.00
N GLY B 283 -12.87 -16.09 -13.09
CA GLY B 283 -12.53 -17.43 -12.62
C GLY B 283 -13.72 -18.19 -12.06
N ILE B 284 -14.48 -17.54 -11.20
CA ILE B 284 -15.71 -18.14 -10.64
C ILE B 284 -16.81 -18.30 -11.68
N LEU B 285 -16.96 -17.31 -12.57
CA LEU B 285 -18.06 -17.32 -13.54
C LEU B 285 -17.97 -18.52 -14.44
N LEU B 286 -16.73 -18.84 -14.82
CA LEU B 286 -16.43 -19.97 -15.70
C LEU B 286 -16.52 -21.33 -14.99
N SER B 287 -16.48 -21.33 -13.65
CA SER B 287 -16.51 -22.57 -12.86
C SER B 287 -17.90 -23.16 -12.79
N GLY B 288 -18.08 -24.36 -13.33
CA GLY B 288 -19.39 -24.99 -13.34
C GLY B 288 -20.26 -24.61 -14.53
N THR B 289 -20.07 -23.44 -15.13
CA THR B 289 -20.84 -23.10 -16.30
C THR B 289 -20.17 -23.68 -17.52
N VAL B 290 -18.85 -23.58 -17.56
CA VAL B 290 -18.05 -23.96 -18.73
C VAL B 290 -17.02 -25.04 -18.42
N VAL B 291 -16.45 -25.01 -17.23
CA VAL B 291 -15.47 -25.97 -16.76
C VAL B 291 -16.01 -26.63 -15.48
N ASP B 292 -16.09 -27.96 -15.45
CA ASP B 292 -16.54 -28.75 -14.28
C ASP B 292 -15.43 -29.07 -13.32
N ASN B 293 -14.21 -29.12 -13.84
CA ASN B 293 -13.08 -29.63 -13.11
C ASN B 293 -11.81 -29.00 -13.63
N TRP B 294 -11.21 -28.14 -12.83
CA TRP B 294 -10.03 -27.43 -13.30
C TRP B 294 -8.79 -28.32 -13.49
N TYR B 295 -8.64 -29.37 -12.70
CA TYR B 295 -7.59 -30.33 -12.97
C TYR B 295 -7.72 -30.91 -14.38
N VAL B 296 -8.94 -31.32 -14.72
CA VAL B 296 -9.20 -31.94 -15.99
C VAL B 296 -8.94 -30.94 -17.09
N TRP B 297 -9.43 -29.72 -16.90
CA TRP B 297 -9.26 -28.65 -17.87
C TRP B 297 -7.78 -28.41 -18.05
N GLY B 298 -7.04 -28.41 -16.96
CA GLY B 298 -5.62 -28.10 -17.00
C GLY B 298 -4.81 -29.12 -17.75
N GLN B 299 -5.31 -30.35 -17.81
CA GLN B 299 -4.62 -31.42 -18.50
C GLN B 299 -4.73 -31.23 -19.99
N ASN B 300 -5.91 -30.90 -20.51
CA ASN B 300 -6.06 -30.59 -21.93
C ASN B 300 -5.66 -29.12 -22.23
N HIS B 301 -6.25 -28.21 -21.45
CA HIS B 301 -6.45 -26.78 -21.79
C HIS B 301 -7.59 -26.58 -22.84
N GLY B 302 -8.68 -27.36 -22.80
CA GLY B 302 -9.70 -27.21 -23.85
C GLY B 302 -10.90 -28.16 -23.82
N PHE C 10 -10.54 -23.96 -29.76
CA PHE C 10 -10.32 -23.91 -28.30
C PHE C 10 -11.68 -23.95 -27.55
N ASP C 11 -11.64 -23.99 -26.23
CA ASP C 11 -12.86 -23.77 -25.46
C ASP C 11 -12.86 -22.35 -24.90
N LEU C 12 -13.99 -21.97 -24.35
CA LEU C 12 -14.23 -20.61 -23.93
C LEU C 12 -13.31 -20.12 -22.83
N ALA C 13 -12.92 -21.01 -21.92
CA ALA C 13 -11.99 -20.66 -20.86
C ALA C 13 -10.58 -20.37 -21.38
N SER C 14 -10.09 -21.19 -22.29
CA SER C 14 -8.78 -20.90 -22.89
C SER C 14 -8.85 -19.70 -23.82
N LEU C 15 -10.04 -19.38 -24.32
CA LEU C 15 -10.25 -18.13 -25.05
C LEU C 15 -10.15 -16.94 -24.09
N ALA C 16 -10.77 -17.08 -22.92
CA ALA C 16 -10.77 -16.05 -21.91
C ALA C 16 -9.36 -15.79 -21.41
N ILE C 17 -8.59 -16.83 -21.14
CA ILE C 17 -7.25 -16.65 -20.52
C ILE C 17 -6.19 -16.08 -21.48
N TYR C 18 -6.31 -16.47 -22.74
CA TYR C 18 -5.39 -16.05 -23.77
C TYR C 18 -5.67 -14.55 -24.09
N SER C 19 -6.95 -14.19 -24.19
CA SER C 19 -7.36 -12.79 -24.27
C SER C 19 -6.86 -11.94 -23.13
N PHE C 20 -6.96 -12.49 -21.93
CA PHE C 20 -6.57 -11.75 -20.76
C PHE C 20 -5.09 -11.36 -20.81
N TRP C 21 -4.22 -12.31 -21.15
CA TRP C 21 -2.78 -12.05 -21.28
C TRP C 21 -2.45 -10.99 -22.29
N ILE C 22 -3.19 -10.95 -23.40
CA ILE C 22 -3.02 -9.89 -24.36
C ILE C 22 -3.39 -8.55 -23.75
N PHE C 23 -4.59 -8.51 -23.14
CA PHE C 23 -5.07 -7.32 -22.46
C PHE C 23 -4.01 -6.81 -21.48
N LEU C 24 -3.50 -7.71 -20.65
CA LEU C 24 -2.56 -7.34 -19.64
C LEU C 24 -1.29 -6.73 -20.20
N ALA C 25 -0.86 -7.20 -21.37
CA ALA C 25 0.34 -6.66 -22.00
C ALA C 25 0.10 -5.22 -22.45
N GLY C 26 -1.05 -4.89 -23.03
CA GLY C 26 -1.32 -3.49 -23.37
C GLY C 26 -1.43 -2.56 -22.16
N LEU C 27 -1.95 -3.14 -21.08
CA LEU C 27 -2.08 -2.44 -19.83
C LEU C 27 -0.69 -2.03 -19.32
N ILE C 28 0.24 -2.98 -19.24
CA ILE C 28 1.63 -2.64 -18.86
C ILE C 28 2.27 -1.60 -19.80
N TYR C 29 2.05 -1.76 -21.08
CA TYR C 29 2.47 -0.79 -22.04
C TYR C 29 1.97 0.61 -21.68
N TYR C 30 0.66 0.71 -21.50
CA TYR C 30 0.00 1.97 -21.16
C TYR C 30 0.55 2.53 -19.85
N LEU C 31 0.52 1.72 -18.80
CA LEU C 31 1.10 2.11 -17.52
C LEU C 31 2.53 2.61 -17.61
N GLN C 32 3.38 1.92 -18.35
CA GLN C 32 4.77 2.30 -18.38
C GLN C 32 4.94 3.63 -19.06
N THR C 33 4.26 3.85 -20.18
CA THR C 33 4.38 5.14 -20.89
C THR C 33 3.80 6.30 -20.10
N GLU C 34 2.74 6.07 -19.34
CA GLU C 34 2.24 7.08 -18.44
C GLU C 34 3.26 7.48 -17.41
N ASN C 35 4.12 6.57 -17.00
CA ASN C 35 5.09 6.85 -15.95
C ASN C 35 6.39 7.45 -16.50
N MET C 36 6.36 7.75 -17.81
CA MET C 36 7.45 8.43 -18.51
C MET C 36 7.18 9.92 -18.79
N ARG C 37 6.21 10.51 -18.09
CA ARG C 37 5.85 11.91 -18.37
C ARG C 37 6.75 12.90 -17.64
N GLU C 38 7.53 12.46 -16.67
CA GLU C 38 8.64 13.28 -16.14
C GLU C 38 9.95 12.52 -16.27
N GLY C 39 11.05 13.26 -16.42
CA GLY C 39 12.39 12.68 -16.38
C GLY C 39 12.97 12.21 -17.69
N TYR C 40 12.12 12.09 -18.71
CA TYR C 40 12.51 11.59 -20.01
C TYR C 40 12.48 12.71 -21.03
N PRO C 41 13.13 12.56 -22.19
CA PRO C 41 14.11 11.52 -22.47
C PRO C 41 15.26 11.42 -21.47
N LEU C 42 15.80 10.19 -21.38
CA LEU C 42 17.07 9.91 -20.74
C LEU C 42 18.19 10.75 -21.34
N GLU C 43 19.15 11.09 -20.50
CA GLU C 43 20.32 11.81 -20.91
C GLU C 43 21.61 11.05 -20.56
N ASN C 44 22.68 11.44 -21.25
CA ASN C 44 24.04 11.11 -20.84
C ASN C 44 24.42 12.00 -19.67
N GLU C 45 25.52 11.70 -19.00
CA GLU C 45 26.00 12.48 -17.85
C GLU C 45 26.36 13.91 -18.21
N ASP C 46 26.64 14.17 -19.48
CA ASP C 46 26.86 15.54 -19.90
C ASP C 46 25.60 16.27 -20.28
N GLY C 47 24.44 15.67 -20.07
CA GLY C 47 23.15 16.30 -20.38
C GLY C 47 22.62 16.16 -21.80
N THR C 48 23.37 15.58 -22.70
CA THR C 48 22.86 15.42 -24.05
C THR C 48 21.95 14.22 -24.03
N PRO C 49 21.10 14.09 -25.05
CA PRO C 49 20.13 13.01 -25.07
C PRO C 49 20.79 11.69 -25.37
N ALA C 50 20.44 10.67 -24.62
CA ALA C 50 21.07 9.37 -24.74
C ALA C 50 20.56 8.60 -25.94
N ALA C 51 21.44 7.73 -26.40
CA ALA C 51 21.22 6.97 -27.60
C ALA C 51 20.12 5.96 -27.37
N ASN C 52 20.22 5.25 -26.27
CA ASN C 52 19.28 4.19 -26.02
C ASN C 52 18.21 4.57 -24.98
N GLN C 53 17.06 5.00 -25.49
CA GLN C 53 15.90 5.41 -24.67
C GLN C 53 15.00 4.25 -24.18
N GLY C 54 15.29 3.03 -24.64
CA GLY C 54 14.45 1.90 -24.29
C GLY C 54 13.40 1.65 -25.36
N PRO C 55 12.56 0.64 -25.14
CA PRO C 55 11.59 0.20 -26.15
C PRO C 55 10.27 0.93 -26.11
N PHE C 56 9.92 1.53 -24.99
CA PHE C 56 8.69 2.33 -24.91
C PHE C 56 8.91 3.80 -25.30
N PRO C 57 8.00 4.32 -26.13
CA PRO C 57 8.08 5.70 -26.60
C PRO C 57 7.44 6.66 -25.60
N LEU C 58 7.75 7.95 -25.72
CA LEU C 58 7.17 8.97 -24.87
C LEU C 58 5.71 9.07 -25.23
N PRO C 59 4.86 9.30 -24.23
CA PRO C 59 3.43 9.39 -24.48
C PRO C 59 3.07 10.71 -25.10
N LYS C 60 1.93 10.78 -25.77
CA LYS C 60 1.42 12.06 -26.27
C LYS C 60 1.16 12.98 -25.10
N PRO C 61 1.47 14.26 -25.21
CA PRO C 61 1.37 15.15 -24.03
C PRO C 61 -0.06 15.33 -23.48
N LYS C 62 -0.17 15.47 -22.16
CA LYS C 62 -1.41 15.89 -21.53
C LYS C 62 -1.20 17.21 -20.80
N THR C 63 -2.28 17.96 -20.65
CA THR C 63 -2.26 19.27 -20.01
C THR C 63 -3.13 19.37 -18.76
N PHE C 64 -2.55 19.75 -17.64
CA PHE C 64 -3.33 19.93 -16.43
C PHE C 64 -3.75 21.38 -16.38
N ILE C 65 -4.99 21.65 -15.98
CA ILE C 65 -5.39 23.01 -15.70
C ILE C 65 -5.27 23.25 -14.22
N LEU C 66 -4.34 24.10 -13.84
CA LEU C 66 -4.12 24.32 -12.42
C LEU C 66 -5.16 25.29 -11.94
N PRO C 67 -5.63 25.12 -10.70
CA PRO C 67 -6.68 25.99 -10.14
C PRO C 67 -6.13 27.35 -9.73
N HIS C 68 -7.02 28.29 -9.47
CA HIS C 68 -6.67 29.61 -8.88
C HIS C 68 -5.84 30.48 -9.79
N GLY C 69 -6.12 30.42 -11.09
CA GLY C 69 -5.45 31.29 -12.05
C GLY C 69 -4.03 30.91 -12.35
N ARG C 70 -3.54 29.81 -11.79
CA ARG C 70 -2.13 29.50 -11.88
C ARG C 70 -1.69 28.84 -13.22
N GLY C 71 -2.56 28.78 -14.23
CA GLY C 71 -2.14 28.33 -15.59
C GLY C 71 -2.32 26.85 -15.91
N THR C 72 -1.39 26.32 -16.68
CA THR C 72 -1.41 24.92 -17.11
C THR C 72 -0.07 24.24 -16.98
N LEU C 73 -0.10 22.92 -17.01
CA LEU C 73 1.10 22.12 -17.10
C LEU C 73 0.94 21.13 -18.22
N THR C 74 1.95 21.03 -19.07
CA THR C 74 1.94 20.04 -20.14
C THR C 74 3.12 19.10 -20.03
N VAL C 75 2.83 17.82 -19.94
CA VAL C 75 3.83 16.78 -19.77
C VAL C 75 3.51 15.56 -20.66
N PRO C 76 4.52 15.09 -21.39
CA PRO C 76 5.88 15.55 -21.20
C PRO C 76 6.14 16.88 -21.89
N GLY C 77 7.14 17.58 -21.37
CA GLY C 77 7.49 18.89 -21.86
C GLY C 77 8.96 19.06 -21.69
N PRO C 78 9.50 20.19 -22.14
CA PRO C 78 10.90 20.52 -21.94
C PRO C 78 11.41 20.42 -20.49
N GLU C 79 12.37 19.54 -20.27
CA GLU C 79 13.05 19.38 -18.95
C GLU C 79 14.27 20.32 -18.83
N SER C 80 14.46 20.85 -17.66
CA SER C 80 15.56 21.75 -17.42
C SER C 80 15.65 22.00 -15.90
N GLU C 81 16.82 21.72 -15.31
CA GLU C 81 17.09 21.97 -13.88
C GLU C 81 16.87 23.44 -13.46
N ASP C 82 17.14 24.39 -14.37
CA ASP C 82 16.93 25.81 -14.09
C ASP C 82 17.70 26.25 -12.86
N ARG C 83 18.87 25.64 -12.68
CA ARG C 83 19.80 26.01 -11.61
C ARG C 83 21.16 25.40 -11.92
N PRO C 84 22.21 26.03 -11.38
CA PRO C 84 23.57 25.52 -11.58
C PRO C 84 23.81 24.32 -10.67
N ILE C 85 24.51 23.32 -11.17
CA ILE C 85 24.84 22.20 -10.34
C ILE C 85 26.33 22.12 -10.12
N ALA C 86 26.77 22.34 -8.89
CA ALA C 86 28.19 22.36 -8.57
C ALA C 86 28.71 20.95 -8.38
N LEU C 87 28.91 20.22 -9.48
CA LEU C 87 29.47 18.86 -9.43
C LEU C 87 30.48 18.68 -10.52
N ALA C 88 31.44 17.78 -10.31
CA ALA C 88 32.39 17.38 -11.35
C ALA C 88 32.57 15.87 -11.34
N ARG C 89 32.98 15.33 -12.47
CA ARG C 89 33.14 13.90 -12.61
C ARG C 89 34.30 13.44 -11.76
N THR C 90 34.27 12.19 -11.33
CA THR C 90 35.39 11.57 -10.62
C THR C 90 36.05 10.43 -11.41
N ALA C 91 35.48 10.05 -12.55
CA ALA C 91 36.05 9.01 -13.39
C ALA C 91 36.04 9.48 -14.84
N VAL C 92 36.76 8.76 -15.70
CA VAL C 92 36.75 9.01 -17.16
C VAL C 92 35.72 8.17 -17.90
N SER C 93 34.86 7.47 -17.20
CA SER C 93 33.84 6.73 -17.88
C SER C 93 32.53 6.73 -17.09
N GLU C 94 31.40 6.47 -17.79
CA GLU C 94 30.03 6.62 -17.28
C GLU C 94 29.82 5.73 -16.04
N GLY C 95 29.06 6.21 -15.08
CA GLY C 95 28.53 5.36 -14.03
C GLY C 95 29.07 5.61 -12.63
N PHE C 96 29.99 6.56 -12.54
CA PHE C 96 30.60 6.90 -11.26
C PHE C 96 30.04 8.19 -10.64
N PRO C 97 30.28 8.33 -9.33
CA PRO C 97 29.75 9.47 -8.63
C PRO C 97 30.42 10.77 -9.10
N HIS C 98 29.75 11.86 -8.79
CA HIS C 98 30.13 13.19 -9.23
C HIS C 98 30.35 13.94 -7.92
N ALA C 99 31.57 14.38 -7.70
CA ALA C 99 31.95 15.03 -6.44
C ALA C 99 31.47 16.46 -6.47
N PRO C 100 30.97 16.97 -5.36
CA PRO C 100 30.68 18.38 -5.21
C PRO C 100 31.97 19.16 -5.34
N THR C 101 31.88 20.29 -6.02
CA THR C 101 33.03 21.15 -6.22
C THR C 101 33.09 22.24 -5.18
N GLY C 102 31.97 22.50 -4.52
CA GLY C 102 31.93 23.43 -3.36
C GLY C 102 31.47 22.79 -2.05
N ASP C 103 30.62 23.49 -1.32
CA ASP C 103 29.97 22.95 -0.11
C ASP C 103 28.59 22.46 -0.55
N PRO C 104 28.37 21.16 -0.48
CA PRO C 104 27.16 20.56 -1.01
C PRO C 104 25.85 21.01 -0.28
N MET C 105 25.96 21.40 0.97
CA MET C 105 24.83 21.95 1.71
C MET C 105 24.49 23.33 1.19
N LYS C 106 25.51 24.16 0.97
CA LYS C 106 25.29 25.48 0.41
C LYS C 106 24.91 25.38 -1.06
N ASP C 107 25.49 24.43 -1.77
CA ASP C 107 25.22 24.32 -3.20
C ASP C 107 24.00 23.54 -3.59
N GLY C 108 23.44 22.75 -2.69
CA GLY C 108 22.18 22.08 -2.98
C GLY C 108 22.38 20.89 -3.88
N VAL C 109 23.35 20.06 -3.58
CA VAL C 109 23.58 18.83 -4.32
C VAL C 109 23.56 17.63 -3.38
N GLY C 110 23.52 16.44 -3.95
CA GLY C 110 23.44 15.21 -3.18
C GLY C 110 22.13 15.10 -2.41
N PRO C 111 22.22 14.56 -1.18
CA PRO C 111 21.08 14.54 -0.29
C PRO C 111 20.61 15.96 0.13
N ALA C 112 21.40 16.99 -0.18
CA ALA C 112 20.97 18.37 0.09
C ALA C 112 20.23 19.07 -1.11
N SER C 113 19.84 18.31 -2.12
CA SER C 113 19.29 18.87 -3.35
C SER C 113 17.95 19.50 -3.13
N TRP C 114 17.63 20.49 -3.93
CA TRP C 114 16.29 21.06 -3.93
C TRP C 114 15.90 21.18 -5.38
N VAL C 115 14.59 21.23 -5.68
CA VAL C 115 14.22 21.51 -7.04
C VAL C 115 13.63 22.87 -7.14
N ALA C 116 13.82 23.48 -8.30
CA ALA C 116 13.38 24.84 -8.58
C ALA C 116 11.89 24.81 -8.88
N ARG C 117 11.12 24.53 -7.85
CA ARG C 117 9.67 24.60 -7.90
C ARG C 117 9.27 26.09 -8.00
N ARG C 118 7.98 26.34 -8.16
CA ARG C 118 7.51 27.70 -8.24
C ARG C 118 7.71 28.38 -6.91
N ASP C 119 7.99 29.66 -6.99
CA ASP C 119 8.28 30.50 -5.86
C ASP C 119 6.97 31.21 -5.52
N LEU C 120 5.94 30.38 -5.39
CA LEU C 120 4.65 30.73 -4.79
C LEU C 120 4.25 29.67 -3.76
N PRO C 121 3.42 30.06 -2.82
CA PRO C 121 2.94 29.11 -1.79
C PRO C 121 1.85 28.18 -2.29
N GLU C 122 1.80 26.92 -1.86
CA GLU C 122 0.63 26.10 -2.15
C GLU C 122 -0.63 26.77 -1.58
N LEU C 123 -1.69 26.82 -2.40
CA LEU C 123 -2.99 27.33 -1.93
C LEU C 123 -3.95 26.15 -1.65
N ASP C 124 -4.94 26.44 -0.82
CA ASP C 124 -6.01 25.53 -0.50
C ASP C 124 -7.14 25.71 -1.48
N GLY C 125 -8.21 24.98 -1.27
CA GLY C 125 -9.25 24.90 -2.26
C GLY C 125 -10.01 26.17 -2.35
N HIS C 126 -9.73 27.10 -1.46
CA HIS C 126 -10.39 28.40 -1.43
C HIS C 126 -9.51 29.49 -1.92
N GLY C 127 -8.28 29.15 -2.29
CA GLY C 127 -7.30 30.12 -2.77
C GLY C 127 -6.45 30.78 -1.69
N HIS C 128 -6.53 30.30 -0.46
CA HIS C 128 -5.71 30.79 0.62
C HIS C 128 -4.45 29.99 0.82
N ASN C 129 -3.38 30.60 1.34
CA ASN C 129 -2.15 29.87 1.63
C ASN C 129 -2.42 28.66 2.53
N LYS C 130 -2.02 27.46 2.05
CA LYS C 130 -2.19 26.17 2.73
C LYS C 130 -1.59 26.20 4.11
N ILE C 131 -0.38 26.74 4.19
CA ILE C 131 0.44 26.74 5.41
C ILE C 131 0.66 28.15 5.94
N LYS C 132 0.51 28.28 7.25
CA LYS C 132 0.51 29.56 7.95
C LYS C 132 1.11 29.40 9.32
N PRO C 133 1.76 30.42 9.82
CA PRO C 133 2.16 30.37 11.21
C PRO C 133 0.86 30.34 12.04
N MET C 134 0.84 29.59 13.14
CA MET C 134 -0.34 29.46 13.99
C MET C 134 -0.77 30.79 14.61
N LYS C 135 0.20 31.69 14.82
CA LYS C 135 -0.10 33.03 15.29
C LYS C 135 -1.03 33.71 14.32
N ALA C 136 -0.94 33.44 13.03
CA ALA C 136 -1.86 34.06 12.06
C ALA C 136 -3.03 33.20 11.64
N ALA C 137 -3.21 32.04 12.29
CA ALA C 137 -4.23 31.07 11.89
C ALA C 137 -5.28 31.00 13.00
N ALA C 138 -6.39 31.71 12.82
CA ALA C 138 -7.37 31.92 13.90
C ALA C 138 -8.09 30.67 14.23
N GLY C 139 -8.20 30.38 15.53
CA GLY C 139 -8.92 29.19 16.01
C GLY C 139 -8.05 27.99 16.26
N PHE C 140 -6.83 28.04 15.71
CA PHE C 140 -5.88 26.94 15.81
C PHE C 140 -5.11 26.94 17.12
N HIS C 141 -4.97 25.74 17.68
CA HIS C 141 -4.28 25.48 18.95
C HIS C 141 -3.76 24.04 19.01
N VAL C 142 -2.79 23.82 19.90
CA VAL C 142 -2.30 22.48 20.16
C VAL C 142 -3.38 21.76 20.94
N SER C 143 -3.96 20.72 20.33
CA SER C 143 -4.97 19.91 20.99
C SER C 143 -4.41 18.66 21.72
N ALA C 144 -3.24 18.17 21.37
CA ALA C 144 -2.70 17.00 22.03
C ALA C 144 -1.19 16.88 21.83
N GLY C 145 -0.52 16.22 22.76
CA GLY C 145 0.94 16.10 22.68
C GLY C 145 1.55 17.30 23.36
N LYS C 146 2.87 17.29 23.50
CA LYS C 146 3.60 18.39 24.15
C LYS C 146 3.64 19.51 23.12
N ASN C 147 3.28 20.72 23.57
CA ASN C 147 3.41 21.92 22.78
C ASN C 147 4.91 22.30 22.74
N PRO C 148 5.50 22.31 21.56
CA PRO C 148 6.90 22.69 21.43
C PRO C 148 7.23 24.16 21.66
N ILE C 149 6.22 25.02 21.63
CA ILE C 149 6.46 26.45 21.59
C ILE C 149 7.05 26.85 22.91
N GLY C 150 8.24 27.45 22.85
CA GLY C 150 8.98 27.88 24.03
C GLY C 150 10.13 26.97 24.37
N LEU C 151 10.20 25.80 23.72
CA LEU C 151 11.26 24.84 23.99
C LEU C 151 12.56 25.22 23.29
N PRO C 152 13.70 24.96 23.96
CA PRO C 152 15.00 25.13 23.34
C PRO C 152 15.20 24.03 22.30
N VAL C 153 15.93 24.36 21.25
CA VAL C 153 16.22 23.45 20.15
C VAL C 153 17.70 23.10 20.17
N ARG C 154 17.97 21.80 20.13
CA ARG C 154 19.29 21.28 20.32
C ARG C 154 19.70 20.54 19.06
N GLY C 155 20.93 20.78 18.61
CA GLY C 155 21.48 20.09 17.43
C GLY C 155 22.19 18.78 17.77
N CYS C 156 22.53 18.03 16.75
CA CYS C 156 23.19 16.73 16.97
C CYS C 156 24.54 16.79 17.68
N ASP C 157 25.20 17.95 17.69
CA ASP C 157 26.36 18.21 18.56
C ASP C 157 26.01 18.52 20.01
N LEU C 158 24.73 18.33 20.37
CA LEU C 158 24.21 18.49 21.74
C LEU C 158 24.39 19.90 22.30
N GLU C 159 24.36 20.89 21.41
CA GLU C 159 24.44 22.29 21.75
C GLU C 159 23.09 22.96 21.37
N ILE C 160 22.71 24.04 22.07
CA ILE C 160 21.42 24.73 21.81
C ILE C 160 21.57 25.67 20.63
N ALA C 161 20.81 25.46 19.57
CA ALA C 161 20.82 26.34 18.40
C ALA C 161 19.79 27.44 18.49
N GLY C 162 18.76 27.26 19.32
CA GLY C 162 17.65 28.22 19.36
C GLY C 162 16.46 27.83 20.22
N LYS C 163 15.33 28.48 19.96
CA LYS C 163 14.08 28.21 20.67
C LYS C 163 12.91 28.26 19.70
N VAL C 164 11.92 27.42 19.94
CA VAL C 164 10.73 27.40 19.08
C VAL C 164 9.81 28.55 19.41
N VAL C 165 9.39 29.30 18.40
CA VAL C 165 8.55 30.47 18.66
C VAL C 165 7.18 30.36 18.00
N ASP C 166 7.00 29.36 17.15
CA ASP C 166 5.70 29.05 16.58
C ASP C 166 5.68 27.70 15.84
N ILE C 167 4.47 27.23 15.58
CA ILE C 167 4.22 26.08 14.70
C ILE C 167 3.56 26.62 13.44
N TRP C 168 4.02 26.16 12.28
CA TRP C 168 3.38 26.53 11.03
C TRP C 168 2.48 25.36 10.65
N VAL C 169 1.22 25.63 10.34
CA VAL C 169 0.25 24.57 10.22
C VAL C 169 -0.36 24.49 8.83
N ASP C 170 -0.68 23.28 8.41
CA ASP C 170 -1.47 23.04 7.22
C ASP C 170 -2.90 23.27 7.65
N ILE C 171 -3.52 24.35 7.24
CA ILE C 171 -4.85 24.61 7.71
C ILE C 171 -5.89 23.58 7.27
N PRO C 172 -6.03 23.30 5.97
CA PRO C 172 -7.01 22.33 5.53
C PRO C 172 -6.78 20.91 6.03
N GLU C 173 -5.54 20.47 6.11
CA GLU C 173 -5.21 19.13 6.62
C GLU C 173 -5.06 19.10 8.18
N GLN C 174 -5.22 20.26 8.81
CA GLN C 174 -5.03 20.42 10.25
C GLN C 174 -3.80 19.70 10.81
N MET C 175 -2.64 20.10 10.35
CA MET C 175 -1.46 19.36 10.69
C MET C 175 -0.22 20.25 10.89
N ALA C 176 0.62 19.92 11.88
CA ALA C 176 1.84 20.69 12.10
C ALA C 176 2.81 20.36 11.02
N ARG C 177 3.41 21.37 10.39
CA ARG C 177 4.35 21.12 9.31
C ARG C 177 5.78 21.61 9.54
N PHE C 178 5.93 22.78 10.16
CA PHE C 178 7.25 23.29 10.51
C PHE C 178 7.21 23.86 11.92
N LEU C 179 8.36 23.80 12.59
CA LEU C 179 8.59 24.63 13.76
C LEU C 179 9.36 25.83 13.28
N GLU C 180 8.96 27.03 13.73
CA GLU C 180 9.74 28.20 13.48
C GLU C 180 10.66 28.39 14.67
N VAL C 181 11.96 28.43 14.41
CA VAL C 181 12.96 28.52 15.46
C VAL C 181 13.69 29.85 15.48
N GLU C 182 13.73 30.49 16.63
CA GLU C 182 14.50 31.71 16.77
C GLU C 182 15.97 31.36 17.12
N LEU C 183 16.89 31.93 16.34
CA LEU C 183 18.35 31.77 16.50
C LEU C 183 19.00 32.87 17.32
N LYS C 184 20.24 32.63 17.73
CA LYS C 184 20.97 33.56 18.58
C LYS C 184 20.91 35.00 18.12
N ASP C 185 20.93 35.27 16.82
CA ASP C 185 20.87 36.68 16.36
C ASP C 185 19.45 37.28 16.25
N GLY C 186 18.42 36.52 16.57
CA GLY C 186 17.06 37.06 16.60
C GLY C 186 16.23 36.77 15.37
N SER C 187 16.90 36.32 14.31
CA SER C 187 16.24 35.83 13.11
C SER C 187 15.66 34.45 13.39
N THR C 188 14.76 34.00 12.50
CA THR C 188 14.17 32.66 12.61
C THR C 188 14.39 31.82 11.38
N ARG C 189 14.14 30.53 11.53
CA ARG C 189 14.17 29.59 10.43
C ARG C 189 13.05 28.59 10.63
N LEU C 190 12.61 28.01 9.52
CA LEU C 190 11.73 26.88 9.55
C LEU C 190 12.50 25.56 9.58
N LEU C 191 11.99 24.61 10.37
CA LEU C 191 12.49 23.26 10.43
C LEU C 191 11.30 22.41 10.15
N PRO C 192 11.40 21.41 9.28
CA PRO C 192 10.29 20.46 9.06
C PRO C 192 10.01 19.57 10.28
N MET C 193 8.73 19.31 10.56
CA MET C 193 8.31 18.54 11.72
C MET C 193 8.82 17.13 11.61
N GLN C 194 8.92 16.64 10.38
CA GLN C 194 9.33 15.26 10.16
C GLN C 194 10.80 15.08 10.52
N MET C 195 11.57 16.14 10.70
CA MET C 195 12.98 15.96 11.06
C MET C 195 13.32 16.36 12.46
N VAL C 196 12.31 16.50 13.32
CA VAL C 196 12.59 16.85 14.71
C VAL C 196 11.97 15.87 15.67
N LYS C 197 12.46 15.93 16.89
CA LYS C 197 12.02 15.08 17.95
C LYS C 197 11.63 15.92 19.14
N VAL C 198 10.33 16.00 19.40
CA VAL C 198 9.84 16.79 20.49
C VAL C 198 9.98 15.98 21.74
N GLN C 199 10.95 16.27 22.57
CA GLN C 199 11.05 15.65 23.88
C GLN C 199 10.35 16.58 24.86
N SER C 200 10.31 16.23 26.14
CA SER C 200 9.46 17.01 27.04
C SER C 200 10.07 18.34 27.38
N ASN C 201 11.39 18.40 27.33
CA ASN C 201 12.13 19.55 27.80
C ASN C 201 13.01 20.15 26.71
N ARG C 202 12.88 19.67 25.48
CA ARG C 202 13.61 20.25 24.36
C ARG C 202 13.13 19.68 23.05
N VAL C 203 13.61 20.24 21.95
CA VAL C 203 13.39 19.64 20.63
C VAL C 203 14.75 19.21 20.18
N HIS C 204 14.88 17.96 19.75
CA HIS C 204 16.17 17.48 19.25
C HIS C 204 16.18 17.32 17.74
N VAL C 205 17.22 17.87 17.12
CA VAL C 205 17.39 17.81 15.70
C VAL C 205 18.69 17.08 15.40
N ASN C 206 18.52 15.84 14.95
CA ASN C 206 19.62 14.96 14.60
C ASN C 206 20.36 15.32 13.31
N ALA C 207 19.63 15.80 12.29
CA ALA C 207 20.27 16.12 11.00
C ALA C 207 21.30 17.24 11.05
N LEU C 208 21.16 18.22 11.95
CA LEU C 208 22.04 19.42 11.96
C LEU C 208 22.73 19.65 13.29
N SER C 209 23.95 20.15 13.19
CA SER C 209 24.67 20.60 14.34
C SER C 209 24.33 22.09 14.54
N SER C 210 24.55 22.55 15.78
CA SER C 210 24.12 23.87 16.17
C SER C 210 24.66 24.93 15.19
N ASP C 211 25.90 24.74 14.72
CA ASP C 211 26.53 25.67 13.81
C ASP C 211 25.97 25.70 12.38
N LEU C 212 25.09 24.80 12.00
CA LEU C 212 24.57 24.80 10.66
C LEU C 212 23.17 25.38 10.57
N PHE C 213 22.61 25.77 11.70
CA PHE C 213 21.25 26.30 11.73
C PHE C 213 21.11 27.63 10.99
N ALA C 214 22.10 28.52 11.07
CA ALA C 214 22.06 29.81 10.35
C ALA C 214 22.11 29.62 8.84
N GLY C 215 22.70 28.51 8.41
CA GLY C 215 22.81 28.18 7.02
C GLY C 215 21.51 27.78 6.41
N ILE C 216 20.57 27.27 7.22
CA ILE C 216 19.23 27.00 6.71
C ILE C 216 18.73 28.22 5.90
N PRO C 217 18.32 28.01 4.66
CA PRO C 217 17.74 29.04 3.84
C PRO C 217 16.56 29.75 4.48
N THR C 218 16.48 31.06 4.27
CA THR C 218 15.45 31.87 4.90
C THR C 218 14.28 32.18 3.95
N ILE C 219 13.17 32.65 4.49
CA ILE C 219 12.02 32.86 3.64
C ILE C 219 11.86 34.34 3.39
N LYS C 220 11.27 34.69 2.27
CA LYS C 220 11.29 36.10 1.90
C LYS C 220 10.18 36.80 2.61
N SER C 221 9.02 36.19 2.83
CA SER C 221 7.99 36.82 3.67
C SER C 221 7.79 36.02 4.98
N PRO C 222 7.60 36.71 6.11
CA PRO C 222 7.47 36.03 7.39
C PRO C 222 6.16 35.34 7.67
N THR C 223 5.14 35.51 6.84
CA THR C 223 3.91 34.77 7.05
C THR C 223 3.53 33.83 5.94
N GLU C 224 4.47 33.48 5.08
CA GLU C 224 4.25 32.42 4.12
C GLU C 224 5.54 31.83 3.68
N VAL C 225 5.48 30.57 3.26
CA VAL C 225 6.55 29.86 2.58
C VAL C 225 6.11 29.50 1.15
N THR C 226 7.01 29.64 0.20
CA THR C 226 6.76 29.15 -1.13
C THR C 226 7.26 27.71 -1.32
N LEU C 227 6.76 27.08 -2.38
CA LEU C 227 7.17 25.73 -2.72
C LEU C 227 8.69 25.64 -2.98
N LEU C 228 9.26 26.67 -3.58
CA LEU C 228 10.70 26.70 -3.80
C LEU C 228 11.43 26.75 -2.46
N GLU C 229 10.92 27.57 -1.54
CA GLU C 229 11.56 27.74 -0.22
C GLU C 229 11.45 26.46 0.63
N GLU C 230 10.36 25.75 0.46
CA GLU C 230 10.17 24.50 1.19
C GLU C 230 11.19 23.50 0.74
N ASP C 231 11.34 23.41 -0.58
CA ASP C 231 12.31 22.46 -1.16
C ASP C 231 13.73 22.78 -0.70
N LYS C 232 14.10 24.08 -0.70
CA LYS C 232 15.44 24.47 -0.25
C LYS C 232 15.68 24.14 1.21
N ILE C 233 14.68 24.42 2.04
CA ILE C 233 14.73 24.15 3.48
C ILE C 233 14.80 22.66 3.79
N CYS C 234 13.87 21.91 3.23
CA CYS C 234 13.88 20.48 3.44
C CYS C 234 15.11 19.79 2.89
N GLY C 235 15.56 20.18 1.69
CA GLY C 235 16.78 19.59 1.08
C GLY C 235 17.98 19.79 2.00
N TYR C 236 18.10 21.03 2.49
CA TYR C 236 19.20 21.45 3.35
C TYR C 236 19.28 20.62 4.64
N VAL C 237 18.17 20.48 5.39
CA VAL C 237 18.25 19.82 6.68
C VAL C 237 18.39 18.29 6.49
N ALA C 238 17.76 17.72 5.47
CA ALA C 238 18.04 16.29 5.10
C ALA C 238 19.50 16.06 4.74
N GLY C 239 20.12 17.06 4.10
CA GLY C 239 21.50 16.95 3.67
C GLY C 239 22.50 16.80 4.80
N GLY C 240 22.17 17.35 5.96
CA GLY C 240 23.02 17.29 7.12
C GLY C 240 23.21 15.88 7.61
N LEU C 241 22.31 14.99 7.30
CA LEU C 241 22.49 13.57 7.67
C LEU C 241 23.77 13.05 7.09
N MET C 242 24.04 13.31 5.82
CA MET C 242 25.35 12.95 5.29
C MET C 242 26.45 13.92 5.70
N TYR C 243 26.25 15.20 5.48
CA TYR C 243 27.32 16.18 5.51
C TYR C 243 27.61 16.79 6.89
N ALA C 244 26.69 16.69 7.83
CA ALA C 244 26.96 17.21 9.17
C ALA C 244 27.63 16.17 10.04
N ALA C 245 27.38 14.89 9.70
CA ALA C 245 27.94 13.68 10.37
C ALA C 245 29.28 13.76 11.15
N PRO C 246 30.35 14.35 10.58
CA PRO C 246 31.60 14.61 11.36
C PRO C 246 31.36 15.22 12.77
N LYS C 247 30.39 16.14 12.90
CA LYS C 247 30.10 16.87 14.18
C LYS C 247 28.99 16.24 15.06
N ARG C 248 28.35 15.19 14.55
CA ARG C 248 27.27 14.50 15.26
C ARG C 248 27.77 13.48 16.31
N LYS C 249 27.52 13.78 17.59
CA LYS C 249 27.81 12.87 18.74
C LYS C 249 26.73 11.76 18.88
N SER C 250 27.15 10.61 19.42
CA SER C 250 26.40 9.31 19.31
C SER C 250 24.84 9.36 19.47
#